data_4UYL
#
_entry.id   4UYL
#
_cell.length_a   110.498
_cell.length_b   110.498
_cell.length_c   90.479
_cell.angle_alpha   90.00
_cell.angle_beta   90.00
_cell.angle_gamma   120.00
#
_symmetry.space_group_name_H-M   'P 31'
#
loop_
_entity.id
_entity.type
_entity.pdbx_description
1 polymer '14-ALPHA STEROL DEMETHYLASE'
2 non-polymer 'PROTOPORPHYRIN IX CONTAINING FE'
3 non-polymer N-[(1R)-1-(2,4-dichlorophenyl)-2-(1H-imidazol-1-yl)ethyl]-4-(5-phenyl-1,3,4-oxadiazol-2-yl)benzamide
4 water water
#
_entity_poly.entity_id   1
_entity_poly.type   'polypeptide(L)'
_entity_poly.pdbx_seq_one_letter_code
;KTPPVVFHWFPFIGSTISYGIDPYKFFFDCRAKYGDIFTFILLGKKTTVYLGTKGNDFILNGKLRDVCAEEVYSPLTTPV
FGRHVVYDCPNAKLMEQKKFVKYGLTSDALRSYVPLITDEVESFVKNSPAFQGHKGVFDVCKTIAEITIYTASRSLQGKE
VRSKFDSTFAELYHNLDMGFAPINFMLPWAPLPHNRKRDAAQRKLTETYMEIIKARRQAGSKKDSEDMVWNLMSCVYKNG
TPVPDEEIAHMMIALLMAGQHSSSSTASWIVLRLATRPDIMEELYQEQIRVLGSDLPPLTYDNLQKLDLHAKVIKETLRL
HAPIHSIIRAVKNPMAVDGTSYVIPTSHNVLSSPGVTARSEEHFPNPLEWNPHRWDENIAASAEDDEKVDYGYGLVSKGT
NSPYLPFGAGRHRCIGEQFAYLQLGTITAVLVRLFRFRNLPGVDGIPDTDYSSLFSKPLGRSFVEFEKRH
;
_entity_poly.pdbx_strand_id   A,B
#
# COMPACT_ATOMS: atom_id res chain seq x y z
N LYS A 1 38.31 -1.02 -7.12
CA LYS A 1 38.81 -2.25 -6.44
C LYS A 1 38.42 -3.50 -7.23
N THR A 2 39.39 -4.05 -7.96
CA THR A 2 39.12 -5.11 -8.92
C THR A 2 38.08 -4.65 -9.95
N PRO A 3 37.00 -5.41 -10.14
CA PRO A 3 35.95 -4.70 -10.88
C PRO A 3 35.40 -3.56 -10.04
N PRO A 4 35.08 -2.42 -10.69
CA PRO A 4 34.80 -1.29 -9.82
C PRO A 4 33.75 -1.62 -8.76
N VAL A 5 33.72 -0.81 -7.72
CA VAL A 5 32.76 -1.01 -6.64
C VAL A 5 31.70 0.08 -6.60
N VAL A 6 30.45 -0.36 -6.54
CA VAL A 6 29.33 0.57 -6.42
C VAL A 6 29.55 1.46 -5.20
N PHE A 7 29.17 2.73 -5.32
CA PHE A 7 29.38 3.66 -4.22
C PHE A 7 28.30 3.49 -3.16
N HIS A 8 28.74 3.14 -1.95
CA HIS A 8 27.82 2.87 -0.85
C HIS A 8 28.27 3.61 0.41
N TRP A 9 27.30 4.03 1.22
CA TRP A 9 27.61 4.77 2.45
C TRP A 9 28.17 3.88 3.54
N PHE A 10 27.74 2.61 3.56
CA PHE A 10 27.85 1.85 4.80
C PHE A 10 28.55 0.50 4.70
N PRO A 11 29.08 0.05 5.85
CA PRO A 11 29.78 -1.20 5.72
C PRO A 11 28.76 -2.33 5.79
N PHE A 12 29.08 -3.43 5.12
CA PHE A 12 28.25 -4.61 5.25
C PHE A 12 26.91 -4.30 4.62
N ILE A 13 26.21 -3.31 5.18
CA ILE A 13 24.89 -2.98 4.66
C ILE A 13 25.07 -2.58 3.20
N GLY A 14 26.07 -1.74 2.97
CA GLY A 14 26.43 -1.38 1.61
C GLY A 14 25.19 -0.95 0.86
N SER A 15 24.97 -1.67 -0.25
CA SER A 15 23.97 -1.33 -1.24
C SER A 15 22.71 -2.14 -1.00
N THR A 16 22.68 -2.83 0.12
CA THR A 16 21.67 -3.87 0.33
C THR A 16 20.27 -3.29 0.18
N ILE A 17 20.08 -2.03 0.60
CA ILE A 17 18.76 -1.43 0.52
C ILE A 17 18.34 -1.19 -0.93
N SER A 18 19.24 -0.65 -1.73
CA SER A 18 18.90 -0.24 -3.09
C SER A 18 18.49 -1.44 -3.94
N TYR A 19 19.21 -2.55 -3.76
CA TYR A 19 18.87 -3.82 -4.39
C TYR A 19 17.48 -4.27 -3.95
N GLY A 20 17.28 -4.32 -2.65
CA GLY A 20 16.05 -4.88 -2.07
C GLY A 20 14.81 -4.16 -2.54
N ILE A 21 14.85 -2.84 -2.58
CA ILE A 21 13.68 -2.05 -2.97
C ILE A 21 13.32 -2.31 -4.42
N ASP A 22 14.33 -2.22 -5.28
CA ASP A 22 14.21 -2.63 -6.67
C ASP A 22 15.55 -3.21 -7.08
N PRO A 23 15.55 -4.40 -7.68
CA PRO A 23 16.85 -4.80 -8.23
C PRO A 23 17.12 -4.28 -9.63
N TYR A 24 16.07 -3.96 -10.37
CA TYR A 24 16.22 -3.62 -11.78
C TYR A 24 16.70 -2.19 -12.00
N LYS A 25 16.06 -1.22 -11.35
CA LYS A 25 16.58 0.15 -11.39
C LYS A 25 18.00 0.19 -10.85
N PHE A 26 18.20 -0.45 -9.70
CA PHE A 26 19.51 -0.52 -9.07
C PHE A 26 20.54 -0.98 -10.11
N PHE A 27 20.11 -1.88 -10.99
CA PHE A 27 21.00 -2.49 -11.96
C PHE A 27 21.18 -1.61 -13.19
N PHE A 28 20.13 -0.89 -13.57
CA PHE A 28 20.17 -0.03 -14.75
C PHE A 28 21.08 1.18 -14.51
N ASP A 29 21.03 1.70 -13.28
CA ASP A 29 21.92 2.77 -12.85
C ASP A 29 23.39 2.34 -12.86
N CYS A 30 23.66 1.18 -12.27
CA CYS A 30 25.03 0.66 -12.21
C CYS A 30 25.58 0.35 -13.60
N ARG A 31 24.70 0.05 -14.54
CA ARG A 31 25.08 -0.09 -15.94
C ARG A 31 25.52 1.25 -16.51
N ALA A 32 24.84 2.32 -16.11
CA ALA A 32 25.10 3.66 -16.63
C ALA A 32 26.36 4.28 -16.04
N LYS A 33 26.80 3.76 -14.89
CA LYS A 33 27.96 4.30 -14.21
C LYS A 33 29.23 3.48 -14.47
N TYR A 34 29.08 2.16 -14.61
CA TYR A 34 30.23 1.29 -14.79
C TYR A 34 30.09 0.31 -15.95
N GLY A 35 29.04 0.45 -16.75
CA GLY A 35 28.77 -0.50 -17.83
C GLY A 35 28.35 -1.86 -17.31
N ASP A 36 28.75 -2.91 -18.02
CA ASP A 36 28.19 -4.25 -17.80
C ASP A 36 28.72 -4.94 -16.56
N ILE A 37 29.88 -4.53 -16.06
CA ILE A 37 30.33 -5.04 -14.76
C ILE A 37 30.55 -4.00 -13.67
N PHE A 38 29.91 -4.28 -12.54
CA PHE A 38 30.21 -3.62 -11.29
C PHE A 38 30.24 -4.68 -10.20
N THR A 39 30.67 -4.27 -9.01
CA THR A 39 30.63 -5.13 -7.84
C THR A 39 30.00 -4.33 -6.70
N PHE A 40 28.97 -4.89 -6.09
CA PHE A 40 28.38 -4.26 -4.92
C PHE A 40 28.36 -5.23 -3.74
N ILE A 41 28.22 -4.66 -2.55
CA ILE A 41 28.07 -5.44 -1.34
C ILE A 41 26.62 -5.60 -0.92
N LEU A 42 26.24 -6.86 -0.76
CA LEU A 42 24.90 -7.27 -0.36
C LEU A 42 25.00 -8.06 0.94
N LEU A 43 24.72 -7.39 2.05
CA LEU A 43 24.70 -8.03 3.35
C LEU A 43 26.06 -8.64 3.70
N GLY A 44 27.11 -7.84 3.50
CA GLY A 44 28.44 -8.21 3.97
C GLY A 44 29.21 -9.12 3.05
N LYS A 45 28.65 -9.43 1.88
CA LYS A 45 29.41 -10.13 0.85
C LYS A 45 29.47 -9.39 -0.48
N LYS A 46 30.66 -9.44 -1.08
CA LYS A 46 30.93 -8.79 -2.35
C LYS A 46 30.37 -9.61 -3.50
N THR A 47 29.35 -9.06 -4.13
CA THR A 47 28.60 -9.76 -5.18
C THR A 47 28.86 -9.06 -6.51
N THR A 48 29.38 -9.80 -7.47
CA THR A 48 29.77 -9.22 -8.76
C THR A 48 28.68 -9.40 -9.81
N VAL A 49 28.22 -8.29 -10.36
CA VAL A 49 27.19 -8.30 -11.39
C VAL A 49 27.82 -8.21 -12.77
N TYR A 50 27.73 -9.30 -13.52
CA TYR A 50 28.08 -9.28 -14.93
C TYR A 50 26.81 -9.22 -15.77
N LEU A 51 26.44 -8.02 -16.17
CA LEU A 51 25.20 -7.84 -16.94
C LEU A 51 25.41 -8.26 -18.38
N GLY A 52 24.30 -8.33 -19.11
CA GLY A 52 24.36 -8.48 -20.56
C GLY A 52 24.42 -9.94 -20.95
N THR A 53 24.09 -10.19 -22.22
CA THR A 53 23.98 -11.55 -22.72
C THR A 53 25.25 -12.36 -22.44
N LYS A 54 26.40 -11.71 -22.56
CA LYS A 54 27.67 -12.40 -22.35
C LYS A 54 27.78 -12.67 -20.85
N GLY A 55 27.23 -11.72 -20.09
CA GLY A 55 27.18 -11.80 -18.64
C GLY A 55 26.33 -12.96 -18.15
N ASN A 56 25.21 -13.20 -18.83
CA ASN A 56 24.39 -14.37 -18.51
C ASN A 56 25.14 -15.66 -18.84
N ASP A 57 25.91 -15.63 -19.93
CA ASP A 57 26.62 -16.81 -20.39
C ASP A 57 27.70 -17.20 -19.38
N PHE A 58 28.42 -16.18 -18.93
CA PHE A 58 29.53 -16.34 -17.99
C PHE A 58 29.12 -17.26 -16.84
N ILE A 59 28.07 -16.87 -16.13
CA ILE A 59 27.72 -17.49 -14.86
C ILE A 59 26.95 -18.79 -15.06
N LEU A 60 26.01 -18.81 -16.00
CA LEU A 60 25.11 -19.95 -16.14
C LEU A 60 25.77 -21.08 -16.93
N ASN A 61 26.78 -20.73 -17.72
CA ASN A 61 27.64 -21.72 -18.36
C ASN A 61 29.03 -21.76 -17.74
N GLY A 62 29.18 -21.06 -16.62
CA GLY A 62 30.38 -21.19 -15.80
C GLY A 62 30.67 -22.66 -15.56
N LYS A 63 31.94 -22.99 -15.37
CA LYS A 63 32.34 -24.35 -15.10
C LYS A 63 32.09 -24.72 -13.64
N LEU A 64 31.85 -26.00 -13.41
CA LEU A 64 31.25 -26.48 -12.17
C LEU A 64 32.01 -25.99 -10.93
N ARG A 65 33.31 -26.19 -10.89
CA ARG A 65 34.07 -25.82 -9.69
C ARG A 65 34.85 -24.51 -9.86
N ASP A 66 34.28 -23.59 -10.62
CA ASP A 66 34.59 -22.16 -10.48
C ASP A 66 33.46 -21.43 -9.78
N VAL A 67 32.24 -21.72 -10.19
CA VAL A 67 31.03 -21.22 -9.51
C VAL A 67 30.21 -22.36 -8.93
N CYS A 68 29.75 -22.17 -7.70
CA CYS A 68 29.02 -23.19 -6.97
C CYS A 68 27.73 -22.61 -6.42
N ALA A 69 26.60 -23.25 -6.72
CA ALA A 69 25.30 -22.71 -6.34
C ALA A 69 24.91 -23.16 -4.94
N GLU A 70 25.15 -24.44 -4.66
CA GLU A 70 24.61 -25.08 -3.46
C GLU A 70 25.22 -24.53 -2.18
N GLU A 71 26.33 -23.81 -2.32
CA GLU A 71 26.96 -23.16 -1.17
C GLU A 71 26.29 -21.84 -0.81
N VAL A 72 25.76 -21.12 -1.80
CA VAL A 72 24.98 -19.92 -1.51
C VAL A 72 23.61 -20.27 -0.90
N TYR A 73 23.03 -21.40 -1.31
CA TYR A 73 21.61 -21.65 -1.10
C TYR A 73 21.32 -22.54 0.10
N SER A 74 22.21 -23.48 0.37
CA SER A 74 21.87 -24.62 1.22
C SER A 74 21.33 -24.21 2.59
N PRO A 75 21.92 -23.18 3.21
CA PRO A 75 21.53 -22.84 4.58
C PRO A 75 20.13 -22.25 4.72
N LEU A 76 19.64 -21.61 3.65
CA LEU A 76 18.24 -21.17 3.59
C LEU A 76 17.32 -22.30 3.14
N THR A 77 17.69 -22.98 2.07
CA THR A 77 16.81 -23.97 1.44
C THR A 77 16.69 -25.26 2.23
N THR A 78 17.80 -25.71 2.82
CA THR A 78 17.85 -27.07 3.37
C THR A 78 16.93 -27.24 4.56
N PRO A 79 16.83 -26.20 5.39
CA PRO A 79 15.86 -26.20 6.49
C PRO A 79 14.43 -26.25 5.98
N VAL A 80 14.21 -25.68 4.80
CA VAL A 80 12.89 -25.65 4.19
C VAL A 80 12.48 -26.93 3.47
N PHE A 81 13.28 -27.40 2.52
CA PHE A 81 12.89 -28.52 1.68
C PHE A 81 13.06 -29.83 2.45
N GLY A 82 14.17 -29.93 3.16
CA GLY A 82 14.61 -31.17 3.75
C GLY A 82 16.01 -31.54 3.28
N ARG A 83 16.69 -32.34 4.09
CA ARG A 83 18.08 -32.71 3.82
C ARG A 83 18.14 -33.78 2.73
N HIS A 84 19.27 -33.80 2.02
CA HIS A 84 19.59 -34.88 1.09
C HIS A 84 19.03 -34.65 -0.30
N VAL A 85 18.50 -33.46 -0.54
CA VAL A 85 17.91 -33.21 -1.84
C VAL A 85 18.24 -31.80 -2.32
N VAL A 86 18.27 -31.68 -3.64
CA VAL A 86 18.54 -30.41 -4.27
C VAL A 86 19.88 -29.89 -3.78
N TYR A 87 19.86 -28.78 -3.07
CA TYR A 87 21.08 -28.15 -2.65
C TYR A 87 21.83 -28.85 -1.55
N ASP A 88 21.25 -29.89 -1.00
CA ASP A 88 21.86 -30.58 0.10
C ASP A 88 22.78 -31.63 -0.45
N CYS A 89 23.16 -31.52 -1.71
CA CYS A 89 24.07 -32.45 -2.29
C CYS A 89 24.95 -31.84 -3.32
N PRO A 90 26.12 -32.41 -3.49
CA PRO A 90 26.95 -32.12 -4.64
C PRO A 90 26.13 -32.12 -5.92
N ASN A 91 26.55 -31.30 -6.87
CA ASN A 91 25.85 -31.11 -8.13
C ASN A 91 25.40 -32.44 -8.74
N ALA A 92 26.35 -33.37 -8.81
CA ALA A 92 26.13 -34.65 -9.48
C ALA A 92 24.80 -35.25 -9.01
N LYS A 93 24.51 -35.09 -7.73
CA LYS A 93 23.29 -35.63 -7.15
C LYS A 93 22.07 -34.82 -7.56
N LEU A 94 22.25 -33.51 -7.70
CA LEU A 94 21.18 -32.62 -8.15
C LEU A 94 20.78 -32.90 -9.60
N MET A 95 21.76 -33.27 -10.42
CA MET A 95 21.49 -33.65 -11.81
C MET A 95 20.62 -34.90 -11.87
N GLU A 96 20.99 -35.91 -11.10
CA GLU A 96 20.20 -37.13 -11.06
C GLU A 96 18.78 -36.83 -10.59
N GLN A 97 18.65 -36.03 -9.53
CA GLN A 97 17.35 -35.68 -8.98
C GLN A 97 16.47 -34.95 -9.99
N LYS A 98 17.07 -34.04 -10.77
CA LYS A 98 16.37 -33.40 -11.87
C LYS A 98 15.85 -34.43 -12.87
N LYS A 99 16.72 -35.36 -13.27
CA LYS A 99 16.36 -36.41 -14.22
C LYS A 99 15.11 -37.16 -13.79
N PHE A 100 15.06 -37.58 -12.53
CA PHE A 100 13.85 -38.21 -12.00
C PHE A 100 12.65 -37.32 -12.29
N VAL A 101 12.77 -36.05 -11.96
CA VAL A 101 11.64 -35.12 -12.04
C VAL A 101 11.24 -34.91 -13.49
N LYS A 102 12.23 -34.77 -14.36
CA LYS A 102 11.99 -34.60 -15.79
C LYS A 102 11.34 -35.84 -16.40
N TYR A 103 11.87 -37.00 -16.05
CA TYR A 103 11.25 -38.27 -16.44
C TYR A 103 9.77 -38.28 -16.07
N GLY A 104 9.44 -37.67 -14.93
CA GLY A 104 8.08 -37.63 -14.43
C GLY A 104 7.14 -36.76 -15.24
N LEU A 105 7.71 -35.84 -16.02
CA LEU A 105 6.95 -34.79 -16.67
C LEU A 105 6.89 -34.98 -18.18
N THR A 106 6.86 -36.25 -18.58
CA THR A 106 6.74 -36.61 -19.98
C THR A 106 5.39 -36.19 -20.53
N SER A 107 5.29 -36.07 -21.84
CA SER A 107 4.09 -35.58 -22.49
C SER A 107 2.85 -36.37 -22.09
N ASP A 108 3.06 -37.64 -21.70
CA ASP A 108 1.94 -38.49 -21.33
C ASP A 108 1.37 -38.08 -19.98
N ALA A 109 2.23 -37.60 -19.09
CA ALA A 109 1.77 -37.06 -17.81
C ALA A 109 1.10 -35.71 -18.02
N LEU A 110 1.74 -34.86 -18.82
CA LEU A 110 1.20 -33.52 -19.08
C LEU A 110 -0.22 -33.62 -19.62
N ARG A 111 -0.40 -34.43 -20.66
CA ARG A 111 -1.73 -34.77 -21.17
C ARG A 111 -2.69 -35.08 -20.02
N SER A 112 -2.30 -36.01 -19.17
CA SER A 112 -3.14 -36.46 -18.06
C SER A 112 -3.47 -35.31 -17.11
N TYR A 113 -2.58 -34.33 -17.05
CA TYR A 113 -2.75 -33.19 -16.15
C TYR A 113 -3.81 -32.21 -16.60
N VAL A 114 -4.07 -32.13 -17.91
CA VAL A 114 -4.84 -31.01 -18.45
C VAL A 114 -6.27 -30.99 -17.91
N PRO A 115 -7.01 -32.11 -18.06
CA PRO A 115 -8.36 -32.15 -17.51
C PRO A 115 -8.40 -31.90 -16.01
N LEU A 116 -7.36 -32.31 -15.30
CA LEU A 116 -7.38 -32.23 -13.85
C LEU A 116 -7.35 -30.76 -13.44
N ILE A 117 -6.48 -30.02 -14.10
CA ILE A 117 -6.32 -28.58 -13.85
C ILE A 117 -7.54 -27.77 -14.25
N THR A 118 -8.22 -28.17 -15.33
CA THR A 118 -9.46 -27.50 -15.69
C THR A 118 -10.53 -27.81 -14.66
N ASP A 119 -10.58 -29.07 -14.26
CA ASP A 119 -11.48 -29.53 -13.22
C ASP A 119 -11.30 -28.71 -11.94
N GLU A 120 -10.05 -28.39 -11.61
CA GLU A 120 -9.79 -27.67 -10.36
C GLU A 120 -10.15 -26.19 -10.47
N VAL A 121 -10.04 -25.64 -11.67
CA VAL A 121 -10.34 -24.23 -11.87
C VAL A 121 -11.84 -24.00 -12.04
N GLU A 122 -12.52 -25.00 -12.61
CA GLU A 122 -13.97 -24.98 -12.74
C GLU A 122 -14.67 -25.14 -11.38
N SER A 123 -14.18 -26.03 -10.54
CA SER A 123 -14.76 -26.23 -9.21
C SER A 123 -14.54 -25.02 -8.32
N PHE A 124 -13.33 -24.48 -8.35
CA PHE A 124 -13.01 -23.33 -7.50
C PHE A 124 -14.00 -22.20 -7.77
N VAL A 125 -14.33 -22.00 -9.05
CA VAL A 125 -15.27 -20.97 -9.45
C VAL A 125 -16.66 -21.29 -8.90
N LYS A 126 -17.16 -22.47 -9.23
CA LYS A 126 -18.46 -22.94 -8.73
C LYS A 126 -18.56 -22.80 -7.21
N ASN A 127 -17.47 -23.07 -6.51
CA ASN A 127 -17.55 -23.41 -5.09
C ASN A 127 -16.95 -22.42 -4.10
N SER A 128 -15.93 -21.68 -4.52
CA SER A 128 -15.30 -20.68 -3.67
C SER A 128 -16.15 -19.41 -3.59
N PRO A 129 -16.03 -18.66 -2.48
CA PRO A 129 -16.77 -17.41 -2.35
C PRO A 129 -16.32 -16.31 -3.30
N ALA A 130 -15.17 -16.50 -3.96
CA ALA A 130 -14.49 -15.41 -4.65
C ALA A 130 -15.25 -14.88 -5.87
N PHE A 131 -15.77 -15.79 -6.69
CA PHE A 131 -16.48 -15.37 -7.91
C PHE A 131 -17.98 -15.60 -7.84
N GLN A 132 -18.57 -15.48 -6.66
CA GLN A 132 -20.00 -15.71 -6.53
C GLN A 132 -20.76 -14.49 -7.02
N GLY A 133 -21.72 -14.72 -7.91
CA GLY A 133 -22.47 -13.63 -8.52
C GLY A 133 -22.03 -13.37 -9.94
N HIS A 134 -22.83 -12.56 -10.64
CA HIS A 134 -22.53 -12.20 -12.03
C HIS A 134 -21.38 -11.21 -12.17
N LYS A 135 -21.36 -10.20 -11.29
CA LYS A 135 -20.30 -9.20 -11.28
C LYS A 135 -19.77 -9.05 -9.86
N GLY A 136 -18.49 -8.68 -9.73
CA GLY A 136 -17.93 -8.33 -8.44
C GLY A 136 -16.44 -8.04 -8.51
N VAL A 137 -15.82 -7.94 -7.34
CA VAL A 137 -14.38 -7.73 -7.24
C VAL A 137 -13.73 -8.90 -6.51
N PHE A 138 -12.45 -9.13 -6.76
CA PHE A 138 -11.71 -10.15 -6.04
C PHE A 138 -10.24 -9.80 -5.85
N ASP A 139 -9.70 -10.28 -4.72
CA ASP A 139 -8.29 -10.14 -4.42
C ASP A 139 -7.48 -11.12 -5.25
N VAL A 140 -6.76 -10.59 -6.23
CA VAL A 140 -6.20 -11.40 -7.31
C VAL A 140 -5.16 -12.38 -6.75
N CYS A 141 -4.20 -11.85 -6.01
CA CYS A 141 -3.07 -12.64 -5.54
C CYS A 141 -3.52 -13.78 -4.63
N LYS A 142 -4.47 -13.52 -3.74
CA LYS A 142 -4.93 -14.57 -2.82
C LYS A 142 -5.74 -15.61 -3.57
N THR A 143 -6.67 -15.15 -4.38
CA THR A 143 -7.47 -16.02 -5.24
C THR A 143 -6.56 -16.88 -6.12
N ILE A 144 -5.61 -16.22 -6.78
CA ILE A 144 -4.73 -16.88 -7.73
C ILE A 144 -3.76 -17.83 -7.03
N ALA A 145 -3.35 -17.49 -5.83
CA ALA A 145 -2.47 -18.37 -5.04
C ALA A 145 -3.20 -19.66 -4.72
N GLU A 146 -4.49 -19.54 -4.47
CA GLU A 146 -5.34 -20.69 -4.18
C GLU A 146 -5.49 -21.59 -5.40
N ILE A 147 -5.77 -20.99 -6.55
CA ILE A 147 -6.01 -21.74 -7.77
C ILE A 147 -4.76 -22.50 -8.20
N THR A 148 -3.64 -21.79 -8.26
CA THR A 148 -2.38 -22.40 -8.65
C THR A 148 -2.01 -23.53 -7.68
N ILE A 149 -2.21 -23.31 -6.39
CA ILE A 149 -1.89 -24.33 -5.39
C ILE A 149 -2.80 -25.55 -5.51
N TYR A 150 -4.07 -25.34 -5.83
CA TYR A 150 -4.99 -26.45 -6.00
C TYR A 150 -4.63 -27.25 -7.25
N THR A 151 -4.39 -26.57 -8.36
CA THR A 151 -4.16 -27.23 -9.64
C THR A 151 -2.86 -28.04 -9.62
N ALA A 152 -1.78 -27.43 -9.15
CA ALA A 152 -0.50 -28.12 -9.08
C ALA A 152 -0.62 -29.39 -8.25
N SER A 153 -1.19 -29.24 -7.06
CA SER A 153 -1.33 -30.33 -6.11
C SER A 153 -2.12 -31.49 -6.70
N ARG A 154 -3.17 -31.17 -7.42
CA ARG A 154 -4.05 -32.17 -7.96
C ARG A 154 -3.36 -33.02 -8.97
N SER A 155 -2.49 -32.40 -9.76
CA SER A 155 -1.84 -33.10 -10.83
C SER A 155 -0.52 -33.65 -10.42
N LEU A 156 0.38 -32.74 -10.08
CA LEU A 156 1.72 -33.08 -9.66
C LEU A 156 1.88 -33.83 -8.37
N GLN A 157 1.17 -33.39 -7.35
CA GLN A 157 1.31 -33.93 -6.00
C GLN A 157 0.43 -35.15 -5.79
N GLY A 158 -0.79 -35.12 -6.36
CA GLY A 158 -1.68 -36.28 -6.29
C GLY A 158 -2.83 -36.13 -5.33
N LYS A 159 -3.71 -37.13 -5.31
CA LYS A 159 -5.02 -37.02 -4.68
C LYS A 159 -4.90 -36.71 -3.19
N GLU A 160 -4.02 -37.44 -2.52
CA GLU A 160 -3.89 -37.33 -1.07
C GLU A 160 -3.45 -35.92 -0.71
N VAL A 161 -2.32 -35.51 -1.25
CA VAL A 161 -1.80 -34.17 -0.99
C VAL A 161 -2.90 -33.16 -1.29
N ARG A 162 -3.58 -33.36 -2.42
CA ARG A 162 -4.63 -32.44 -2.83
C ARG A 162 -5.72 -32.33 -1.76
N SER A 163 -6.25 -33.47 -1.32
CA SER A 163 -7.32 -33.45 -0.34
C SER A 163 -6.82 -32.92 1.00
N LYS A 164 -5.53 -33.11 1.25
CA LYS A 164 -4.89 -32.62 2.46
C LYS A 164 -4.97 -31.09 2.53
N PHE A 165 -5.07 -30.47 1.35
CA PHE A 165 -5.19 -29.02 1.28
C PHE A 165 -6.58 -28.53 1.70
N ASP A 166 -7.53 -29.46 1.79
CA ASP A 166 -8.80 -29.17 2.46
C ASP A 166 -8.69 -29.28 3.97
N SER A 167 -7.96 -30.27 4.47
CA SER A 167 -7.54 -30.27 5.87
C SER A 167 -6.40 -29.26 5.99
N THR A 168 -6.11 -28.83 7.21
CA THR A 168 -5.18 -27.71 7.37
C THR A 168 -3.74 -28.16 7.13
N PHE A 169 -3.52 -28.56 5.88
CA PHE A 169 -2.21 -28.88 5.34
C PHE A 169 -1.58 -27.60 4.80
N ALA A 170 -2.35 -26.51 4.87
CA ALA A 170 -1.90 -25.24 4.33
C ALA A 170 -1.45 -24.27 5.43
N GLU A 171 -1.83 -24.53 6.67
CA GLU A 171 -1.12 -23.90 7.78
C GLU A 171 0.36 -24.25 7.67
N LEU A 172 0.63 -25.49 7.31
CA LEU A 172 2.00 -26.00 7.25
C LEU A 172 2.79 -25.26 6.18
N TYR A 173 2.34 -25.32 4.93
CA TYR A 173 3.09 -24.71 3.84
C TYR A 173 3.30 -23.22 4.09
N HIS A 174 2.25 -22.57 4.58
CA HIS A 174 2.33 -21.19 5.03
C HIS A 174 3.44 -21.03 6.06
N ASN A 175 3.43 -21.91 7.04
CA ASN A 175 4.44 -21.90 8.10
C ASN A 175 5.82 -22.25 7.57
N LEU A 176 5.86 -23.19 6.62
CA LEU A 176 7.12 -23.55 5.98
C LEU A 176 7.66 -22.39 5.15
N ASP A 177 6.76 -21.64 4.53
CA ASP A 177 7.16 -20.54 3.65
C ASP A 177 7.88 -19.43 4.41
N MET A 178 7.76 -19.46 5.73
CA MET A 178 8.44 -18.48 6.57
C MET A 178 9.96 -18.65 6.51
N GLY A 179 10.40 -19.80 6.03
CA GLY A 179 11.83 -20.09 5.91
C GLY A 179 12.47 -19.21 4.85
N PHE A 180 11.62 -18.61 4.02
CA PHE A 180 12.07 -17.67 3.00
C PHE A 180 11.96 -16.24 3.52
N ALA A 181 11.91 -16.09 4.83
CA ALA A 181 11.86 -14.76 5.42
C ALA A 181 13.18 -14.05 5.15
N PRO A 182 13.10 -12.80 4.68
CA PRO A 182 14.31 -12.15 4.22
C PRO A 182 15.41 -12.22 5.28
N ILE A 183 15.01 -12.17 6.54
CA ILE A 183 15.99 -12.17 7.62
C ILE A 183 16.85 -13.42 7.50
N ASN A 184 16.27 -14.46 6.97
CA ASN A 184 16.89 -15.76 7.02
C ASN A 184 18.00 -15.78 6.03
N PHE A 185 18.22 -14.66 5.38
CA PHE A 185 19.33 -14.56 4.48
C PHE A 185 20.63 -14.84 5.20
N MET A 186 20.82 -14.32 6.42
CA MET A 186 21.96 -14.81 7.19
C MET A 186 21.62 -15.57 8.45
N LEU A 187 20.38 -15.52 8.88
CA LEU A 187 20.06 -16.04 10.19
C LEU A 187 19.30 -17.32 10.13
N PRO A 188 19.41 -18.07 9.06
CA PRO A 188 18.52 -19.20 8.93
C PRO A 188 18.58 -20.18 10.10
N TRP A 189 19.79 -20.39 10.63
CA TRP A 189 19.97 -21.25 11.80
C TRP A 189 19.31 -20.73 13.08
N ALA A 190 19.27 -19.42 13.23
CA ALA A 190 18.81 -18.82 14.47
C ALA A 190 17.37 -19.15 14.76
N PRO A 191 17.08 -19.56 16.05
CA PRO A 191 15.71 -20.05 16.25
C PRO A 191 14.68 -19.03 16.73
N LEU A 192 14.54 -17.96 15.98
CA LEU A 192 13.39 -17.08 16.10
C LEU A 192 12.11 -17.87 15.86
N PRO A 193 10.99 -17.39 16.41
CA PRO A 193 9.79 -18.22 16.36
C PRO A 193 9.41 -18.68 14.95
N HIS A 194 9.59 -17.83 13.95
CA HIS A 194 9.19 -18.19 12.59
C HIS A 194 10.02 -19.36 12.09
N ASN A 195 11.32 -19.29 12.32
CA ASN A 195 12.23 -20.40 12.03
C ASN A 195 11.84 -21.69 12.76
N ARG A 196 11.42 -21.57 14.01
CA ARG A 196 11.04 -22.75 14.77
C ARG A 196 9.81 -23.41 14.16
N LYS A 197 8.87 -22.57 13.74
CA LYS A 197 7.61 -23.05 13.17
C LYS A 197 7.89 -23.82 11.88
N ARG A 198 8.76 -23.24 11.07
CA ARG A 198 9.16 -23.85 9.80
C ARG A 198 9.68 -25.26 10.02
N ASP A 199 10.51 -25.43 11.05
CA ASP A 199 11.03 -26.75 11.38
C ASP A 199 9.87 -27.67 11.79
N ALA A 200 8.90 -27.12 12.49
CA ALA A 200 7.69 -27.86 12.84
C ALA A 200 6.95 -28.32 11.58
N ALA A 201 6.80 -27.40 10.64
CA ALA A 201 6.11 -27.69 9.38
C ALA A 201 6.86 -28.77 8.61
N GLN A 202 8.16 -28.53 8.42
CA GLN A 202 9.05 -29.48 7.78
C GLN A 202 8.97 -30.89 8.34
N ARG A 203 8.99 -31.04 9.66
CA ARG A 203 8.82 -32.36 10.27
C ARG A 203 7.46 -32.95 9.86
N LYS A 204 6.38 -32.24 10.20
CA LYS A 204 5.04 -32.73 9.93
C LYS A 204 4.82 -33.08 8.45
N LEU A 205 5.22 -32.18 7.56
CA LEU A 205 5.02 -32.39 6.13
C LEU A 205 5.69 -33.68 5.70
N THR A 206 6.96 -33.79 6.07
CA THR A 206 7.79 -34.94 5.69
C THR A 206 7.16 -36.24 6.16
N GLU A 207 6.77 -36.29 7.43
CA GLU A 207 6.01 -37.43 7.94
C GLU A 207 4.85 -37.72 6.99
N THR A 208 4.10 -36.67 6.67
CA THR A 208 2.84 -36.83 5.98
C THR A 208 3.08 -37.40 4.57
N TYR A 209 4.08 -36.88 3.89
CA TYR A 209 4.40 -37.40 2.55
C TYR A 209 4.77 -38.88 2.63
N MET A 210 5.41 -39.26 3.74
CA MET A 210 5.85 -40.65 3.91
C MET A 210 4.71 -41.61 4.24
N GLU A 211 3.80 -41.20 5.10
CA GLU A 211 2.59 -42.00 5.33
C GLU A 211 1.88 -42.29 4.01
N ILE A 212 1.76 -41.27 3.17
CA ILE A 212 1.12 -41.42 1.87
C ILE A 212 1.84 -42.49 1.04
N ILE A 213 3.16 -42.32 0.95
CA ILE A 213 4.01 -43.20 0.16
C ILE A 213 3.90 -44.65 0.62
N LYS A 214 4.06 -44.87 1.93
CA LYS A 214 4.11 -46.23 2.46
C LYS A 214 2.76 -46.89 2.26
N ALA A 215 1.70 -46.14 2.50
CA ALA A 215 0.34 -46.65 2.44
C ALA A 215 -0.01 -47.12 1.03
N ARG A 216 0.54 -46.46 0.02
CA ARG A 216 0.40 -46.92 -1.36
C ARG A 216 1.01 -48.31 -1.50
N ARG A 217 2.27 -48.41 -1.10
CA ARG A 217 3.02 -49.66 -1.22
C ARG A 217 2.38 -50.73 -0.35
N GLN A 218 1.86 -50.31 0.80
CA GLN A 218 1.11 -51.20 1.68
C GLN A 218 0.01 -51.93 0.90
N ALA A 219 -0.29 -51.41 -0.29
CA ALA A 219 -1.24 -52.04 -1.20
C ALA A 219 -0.64 -52.39 -2.56
N GLY A 220 0.61 -52.00 -2.78
CA GLY A 220 1.38 -52.42 -3.95
C GLY A 220 0.79 -52.12 -5.31
N SER A 221 0.43 -50.86 -5.55
CA SER A 221 -0.30 -50.49 -6.76
C SER A 221 0.37 -49.38 -7.58
N LYS A 222 -0.30 -49.04 -8.68
CA LYS A 222 -0.30 -47.69 -9.22
C LYS A 222 -1.72 -47.21 -9.51
N LYS A 223 -1.86 -45.90 -9.67
CA LYS A 223 -3.17 -45.28 -9.82
C LYS A 223 -3.24 -44.60 -11.19
N ASP A 224 -2.83 -43.33 -11.23
CA ASP A 224 -2.19 -42.77 -12.42
C ASP A 224 -1.49 -41.46 -12.08
N SER A 225 -0.94 -40.77 -13.08
CA SER A 225 0.49 -40.43 -13.11
C SER A 225 0.89 -39.07 -12.54
N GLU A 226 0.99 -38.96 -11.22
CA GLU A 226 1.66 -37.84 -10.56
C GLU A 226 3.18 -38.02 -10.52
N ASP A 227 3.89 -37.07 -9.92
CA ASP A 227 5.33 -37.22 -9.81
C ASP A 227 5.70 -38.33 -8.82
N MET A 228 4.81 -38.60 -7.87
CA MET A 228 5.17 -39.47 -6.75
C MET A 228 5.03 -40.97 -6.97
N VAL A 229 3.93 -41.48 -7.52
CA VAL A 229 3.97 -42.87 -7.98
C VAL A 229 5.20 -42.96 -8.88
N TRP A 230 5.48 -41.80 -9.47
CA TRP A 230 6.58 -41.69 -10.40
C TRP A 230 7.83 -41.95 -9.62
N ASN A 231 8.14 -41.09 -8.68
CA ASN A 231 9.39 -41.19 -7.97
C ASN A 231 9.48 -42.47 -7.19
N LEU A 232 8.35 -43.04 -6.84
CA LEU A 232 8.35 -44.21 -5.98
C LEU A 232 9.18 -45.28 -6.64
N MET A 233 9.00 -45.46 -7.95
CA MET A 233 9.86 -46.34 -8.69
C MET A 233 10.76 -45.61 -9.62
N SER A 234 10.44 -44.35 -9.83
CA SER A 234 10.94 -43.66 -10.99
C SER A 234 12.10 -43.08 -10.29
N CYS A 235 12.77 -43.99 -9.62
CA CYS A 235 13.76 -43.60 -8.70
C CYS A 235 14.77 -44.70 -8.56
N VAL A 236 15.80 -44.68 -9.39
CA VAL A 236 17.00 -45.36 -9.02
C VAL A 236 18.14 -44.58 -9.54
N TYR A 237 19.16 -44.39 -8.73
CA TYR A 237 20.38 -43.72 -9.17
C TYR A 237 21.30 -44.64 -9.95
N LYS A 238 22.35 -44.06 -10.51
CA LYS A 238 23.41 -44.83 -11.18
C LYS A 238 23.84 -46.02 -10.31
N ASN A 239 24.22 -45.69 -9.08
CA ASN A 239 24.66 -46.69 -8.10
C ASN A 239 23.70 -47.85 -7.91
N GLY A 240 22.42 -47.63 -8.24
CA GLY A 240 21.42 -48.68 -8.13
C GLY A 240 20.58 -48.67 -6.86
N THR A 241 20.63 -47.58 -6.10
CA THR A 241 19.78 -47.45 -4.92
C THR A 241 18.44 -46.81 -5.28
N PRO A 242 17.34 -47.39 -4.79
CA PRO A 242 16.07 -46.67 -4.90
C PRO A 242 16.09 -45.42 -4.03
N VAL A 243 15.48 -44.34 -4.54
CA VAL A 243 15.37 -43.12 -3.74
C VAL A 243 14.55 -43.38 -2.50
N PRO A 244 15.11 -43.05 -1.32
CA PRO A 244 14.38 -43.28 -0.09
C PRO A 244 13.14 -42.40 0.04
N ASP A 245 12.10 -42.95 0.64
CA ASP A 245 10.88 -42.21 0.95
C ASP A 245 11.16 -40.79 1.45
N GLU A 246 12.28 -40.61 2.13
CA GLU A 246 12.59 -39.33 2.74
C GLU A 246 13.00 -38.31 1.68
N GLU A 247 13.83 -38.75 0.74
CA GLU A 247 14.23 -37.94 -0.39
C GLU A 247 13.07 -37.70 -1.35
N ILE A 248 12.19 -38.68 -1.49
CA ILE A 248 10.96 -38.48 -2.27
C ILE A 248 10.12 -37.41 -1.58
N ALA A 249 9.96 -37.56 -0.28
CA ALA A 249 9.19 -36.61 0.52
C ALA A 249 9.72 -35.19 0.33
N HIS A 250 11.04 -35.02 0.35
CA HIS A 250 11.62 -33.68 0.35
C HIS A 250 11.63 -33.05 -1.05
N MET A 251 11.64 -33.88 -2.09
CA MET A 251 11.62 -33.37 -3.46
C MET A 251 10.24 -32.84 -3.78
N MET A 252 9.23 -33.62 -3.41
CA MET A 252 7.83 -33.21 -3.46
C MET A 252 7.62 -31.86 -2.79
N ILE A 253 8.17 -31.68 -1.60
CA ILE A 253 8.11 -30.39 -0.92
C ILE A 253 8.77 -29.29 -1.75
N ALA A 254 9.98 -29.55 -2.22
CA ALA A 254 10.72 -28.58 -3.02
C ALA A 254 9.96 -28.20 -4.28
N LEU A 255 9.38 -29.19 -4.95
CA LEU A 255 8.63 -28.93 -6.18
C LEU A 255 7.41 -28.07 -5.87
N LEU A 256 6.68 -28.45 -4.84
CA LEU A 256 5.56 -27.64 -4.37
C LEU A 256 5.95 -26.17 -4.22
N MET A 257 7.06 -25.90 -3.54
CA MET A 257 7.46 -24.52 -3.28
C MET A 257 7.82 -23.82 -4.58
N ALA A 258 8.46 -24.55 -5.47
CA ALA A 258 8.91 -23.98 -6.71
C ALA A 258 7.79 -23.51 -7.57
N GLY A 259 6.77 -24.34 -7.71
CA GLY A 259 5.65 -23.96 -8.51
C GLY A 259 4.96 -22.80 -7.89
N GLN A 260 4.80 -22.88 -6.59
CA GLN A 260 4.03 -21.88 -5.89
C GLN A 260 4.65 -20.54 -5.96
N HIS A 261 5.95 -20.48 -5.77
CA HIS A 261 6.64 -19.22 -5.86
C HIS A 261 6.53 -18.67 -7.25
N SER A 262 6.68 -19.53 -8.23
CA SER A 262 6.77 -19.08 -9.59
C SER A 262 5.48 -18.85 -10.32
N SER A 263 4.65 -19.87 -10.34
CA SER A 263 3.42 -19.84 -11.13
C SER A 263 2.35 -18.93 -10.54
N SER A 264 2.24 -18.91 -9.22
CA SER A 264 1.25 -18.05 -8.56
C SER A 264 1.47 -16.60 -8.95
N SER A 265 2.73 -16.16 -8.84
CA SER A 265 3.09 -14.77 -9.08
C SER A 265 2.71 -14.38 -10.50
N THR A 266 3.17 -15.19 -11.44
CA THR A 266 3.05 -14.91 -12.87
C THR A 266 1.56 -14.79 -13.21
N ALA A 267 0.81 -15.78 -12.75
CA ALA A 267 -0.60 -15.93 -13.12
C ALA A 267 -1.36 -14.70 -12.63
N SER A 268 -0.94 -14.19 -11.47
CA SER A 268 -1.54 -12.98 -10.90
C SER A 268 -1.27 -11.78 -11.80
N TRP A 269 -0.02 -11.65 -12.25
CA TRP A 269 0.34 -10.62 -13.22
C TRP A 269 -0.45 -10.80 -14.51
N ILE A 270 -0.58 -12.04 -14.95
CA ILE A 270 -1.41 -12.33 -16.12
C ILE A 270 -2.80 -11.74 -15.93
N VAL A 271 -3.36 -11.92 -14.75
CA VAL A 271 -4.71 -11.48 -14.45
C VAL A 271 -4.80 -9.96 -14.44
N LEU A 272 -3.81 -9.33 -13.79
CA LEU A 272 -3.81 -7.88 -13.65
C LEU A 272 -3.61 -7.20 -15.00
N ARG A 273 -2.73 -7.75 -15.83
CA ARG A 273 -2.46 -7.14 -17.13
C ARG A 273 -3.73 -7.10 -17.98
N LEU A 274 -4.31 -8.28 -18.21
CA LEU A 274 -5.60 -8.39 -18.89
C LEU A 274 -6.59 -7.36 -18.36
N ALA A 275 -6.54 -7.14 -17.06
CA ALA A 275 -7.49 -6.26 -16.39
C ALA A 275 -7.34 -4.84 -16.91
N THR A 276 -6.15 -4.53 -17.41
CA THR A 276 -5.86 -3.22 -18.00
C THR A 276 -6.00 -3.27 -19.52
N ARG A 277 -6.27 -4.45 -20.05
CA ARG A 277 -6.24 -4.62 -21.50
C ARG A 277 -7.44 -5.44 -21.98
N PRO A 278 -8.65 -4.89 -21.83
CA PRO A 278 -9.83 -5.66 -22.20
C PRO A 278 -9.83 -6.01 -23.68
N ASP A 279 -9.13 -5.22 -24.49
CA ASP A 279 -8.95 -5.55 -25.90
C ASP A 279 -8.32 -6.92 -26.02
N ILE A 280 -7.23 -7.14 -25.28
CA ILE A 280 -6.48 -8.38 -25.37
C ILE A 280 -7.34 -9.54 -24.90
N MET A 281 -7.95 -9.40 -23.74
CA MET A 281 -8.73 -10.48 -23.16
C MET A 281 -9.81 -10.92 -24.14
N GLU A 282 -10.39 -9.95 -24.83
CA GLU A 282 -11.46 -10.24 -25.78
C GLU A 282 -10.89 -10.80 -27.08
N GLU A 283 -9.63 -10.44 -27.35
CA GLU A 283 -8.87 -11.03 -28.45
C GLU A 283 -8.57 -12.49 -28.17
N LEU A 284 -8.28 -12.81 -26.90
CA LEU A 284 -8.08 -14.19 -26.50
C LEU A 284 -9.39 -14.98 -26.60
N TYR A 285 -10.45 -14.47 -25.99
CA TYR A 285 -11.74 -15.14 -26.08
C TYR A 285 -12.08 -15.45 -27.53
N GLN A 286 -11.85 -14.49 -28.41
CA GLN A 286 -12.20 -14.65 -29.82
C GLN A 286 -11.30 -15.69 -30.49
N GLU A 287 -10.03 -15.71 -30.08
CA GLU A 287 -9.12 -16.75 -30.57
C GLU A 287 -9.59 -18.14 -30.18
N GLN A 288 -10.12 -18.28 -28.97
CA GLN A 288 -10.61 -19.59 -28.53
C GLN A 288 -11.60 -20.00 -29.62
N ILE A 289 -12.64 -19.20 -29.80
CA ILE A 289 -13.71 -19.53 -30.75
C ILE A 289 -13.20 -19.93 -32.14
N ARG A 290 -12.32 -19.10 -32.70
CA ARG A 290 -11.84 -19.31 -34.05
C ARG A 290 -11.11 -20.63 -34.21
N VAL A 291 -9.98 -20.77 -33.58
CA VAL A 291 -9.24 -22.01 -33.62
C VAL A 291 -9.99 -23.10 -32.89
N LEU A 292 -10.51 -22.71 -31.76
CA LEU A 292 -11.13 -23.65 -30.86
C LEU A 292 -12.40 -24.24 -31.36
N GLY A 293 -13.22 -23.43 -32.00
CA GLY A 293 -14.52 -23.87 -32.43
C GLY A 293 -15.57 -23.18 -31.61
N SER A 294 -16.73 -22.98 -32.20
CA SER A 294 -17.70 -22.03 -31.67
C SER A 294 -18.35 -22.75 -30.49
N ASP A 295 -18.46 -24.07 -30.68
CA ASP A 295 -18.87 -24.95 -29.61
C ASP A 295 -18.03 -24.67 -28.36
N LEU A 296 -16.76 -24.34 -28.55
CA LEU A 296 -15.89 -24.11 -27.41
C LEU A 296 -15.73 -25.42 -26.63
N PRO A 297 -15.22 -26.47 -27.30
CA PRO A 297 -15.16 -27.72 -26.56
C PRO A 297 -14.04 -27.71 -25.52
N PRO A 298 -14.01 -28.73 -24.65
CA PRO A 298 -13.07 -28.65 -23.53
C PRO A 298 -11.64 -28.59 -24.02
N LEU A 299 -10.75 -28.17 -23.11
CA LEU A 299 -9.34 -28.05 -23.44
C LEU A 299 -8.63 -29.38 -23.33
N THR A 300 -7.55 -29.51 -24.10
CA THR A 300 -6.74 -30.72 -24.09
C THR A 300 -5.28 -30.35 -24.27
N TYR A 301 -4.42 -31.33 -24.03
CA TYR A 301 -3.01 -31.19 -24.35
C TYR A 301 -2.86 -30.62 -25.75
N ASP A 302 -3.70 -31.09 -26.66
CA ASP A 302 -3.57 -30.75 -28.07
C ASP A 302 -4.05 -29.33 -28.41
N ASN A 303 -5.21 -28.95 -27.91
CA ASN A 303 -5.81 -27.67 -28.27
C ASN A 303 -5.01 -26.45 -27.79
N LEU A 304 -4.44 -26.55 -26.60
CA LEU A 304 -3.77 -25.42 -25.99
C LEU A 304 -2.63 -24.95 -26.89
N GLN A 305 -2.10 -25.91 -27.64
CA GLN A 305 -1.02 -25.66 -28.59
C GLN A 305 -1.45 -24.60 -29.59
N LYS A 306 -2.71 -24.70 -30.03
CA LYS A 306 -3.25 -23.84 -31.06
C LYS A 306 -3.48 -22.42 -30.54
N LEU A 307 -3.42 -22.27 -29.22
CA LEU A 307 -3.77 -20.99 -28.61
C LEU A 307 -2.60 -20.02 -28.68
N ASP A 308 -2.35 -19.50 -29.87
CA ASP A 308 -1.06 -18.88 -30.17
C ASP A 308 -0.83 -17.63 -29.31
N LEU A 309 -1.86 -16.81 -29.17
CA LEU A 309 -1.73 -15.54 -28.46
C LEU A 309 -1.81 -15.75 -26.95
N HIS A 310 -2.63 -16.71 -26.53
CA HIS A 310 -2.68 -17.14 -25.13
C HIS A 310 -1.25 -17.35 -24.66
N ALA A 311 -0.51 -18.13 -25.44
CA ALA A 311 0.89 -18.42 -25.16
C ALA A 311 1.77 -17.18 -25.20
N LYS A 312 1.43 -16.24 -26.09
CA LYS A 312 2.19 -15.00 -26.22
C LYS A 312 1.92 -14.07 -25.04
N VAL A 313 0.74 -14.20 -24.45
CA VAL A 313 0.39 -13.47 -23.25
C VAL A 313 1.27 -13.92 -22.10
N ILE A 314 1.40 -15.24 -21.95
CA ILE A 314 2.20 -15.82 -20.88
C ILE A 314 3.66 -15.44 -21.09
N LYS A 315 4.09 -15.54 -22.35
CA LYS A 315 5.46 -15.22 -22.73
C LYS A 315 5.82 -13.79 -22.37
N GLU A 316 4.99 -12.85 -22.80
CA GLU A 316 5.26 -11.43 -22.65
C GLU A 316 5.11 -10.97 -21.20
N THR A 317 4.24 -11.63 -20.46
CA THR A 317 4.12 -11.38 -19.02
C THR A 317 5.42 -11.82 -18.37
N LEU A 318 5.91 -12.98 -18.80
CA LEU A 318 7.18 -13.50 -18.30
C LEU A 318 8.34 -12.58 -18.66
N ARG A 319 8.22 -11.85 -19.77
CA ARG A 319 9.30 -10.96 -20.18
C ARG A 319 9.50 -9.84 -19.18
N LEU A 320 8.40 -9.27 -18.69
CA LEU A 320 8.47 -8.14 -17.78
C LEU A 320 8.40 -8.57 -16.32
N HIS A 321 7.98 -9.80 -16.08
CA HIS A 321 7.54 -10.19 -14.74
C HIS A 321 8.17 -11.45 -14.17
N ALA A 322 8.98 -12.14 -14.98
CA ALA A 322 9.50 -13.41 -14.51
C ALA A 322 9.92 -13.20 -13.07
N PRO A 323 9.47 -14.08 -12.16
CA PRO A 323 9.67 -13.67 -10.78
C PRO A 323 11.13 -13.54 -10.41
N ILE A 324 11.95 -14.49 -10.84
CA ILE A 324 13.36 -14.49 -10.48
C ILE A 324 14.06 -13.32 -11.17
N HIS A 325 14.77 -12.51 -10.39
CA HIS A 325 15.46 -11.37 -10.95
C HIS A 325 16.97 -11.58 -10.91
N SER A 326 17.41 -12.49 -10.03
CA SER A 326 18.82 -12.56 -9.66
C SER A 326 19.22 -14.00 -9.39
N ILE A 327 20.19 -14.48 -10.16
CA ILE A 327 20.78 -15.79 -9.94
C ILE A 327 22.20 -15.64 -9.42
N ILE A 328 22.42 -16.16 -8.22
CA ILE A 328 23.63 -15.88 -7.46
C ILE A 328 24.51 -17.13 -7.42
N ARG A 329 25.80 -16.94 -7.57
CA ARG A 329 26.73 -18.04 -7.45
C ARG A 329 27.96 -17.69 -6.61
N ALA A 330 28.45 -18.65 -5.85
CA ALA A 330 29.72 -18.53 -5.14
C ALA A 330 30.91 -18.74 -6.08
N VAL A 331 31.65 -17.66 -6.32
CA VAL A 331 32.93 -17.77 -7.02
C VAL A 331 33.97 -18.42 -6.10
N LYS A 332 34.57 -19.50 -6.59
CA LYS A 332 35.53 -20.25 -5.78
C LYS A 332 36.97 -19.98 -6.18
N ASN A 333 37.24 -20.06 -7.48
CA ASN A 333 38.61 -19.89 -7.99
C ASN A 333 38.67 -18.73 -8.97
N PRO A 334 39.78 -17.97 -8.97
CA PRO A 334 39.72 -16.69 -9.66
C PRO A 334 39.36 -16.86 -11.12
N MET A 335 38.43 -16.03 -11.58
CA MET A 335 37.89 -16.19 -12.91
C MET A 335 38.40 -15.07 -13.81
N ALA A 336 38.98 -15.47 -14.92
CA ALA A 336 39.52 -14.52 -15.89
C ALA A 336 38.39 -14.00 -16.78
N VAL A 337 38.48 -12.73 -17.14
CA VAL A 337 37.45 -12.10 -17.95
C VAL A 337 37.59 -12.37 -19.44
N ASP A 338 36.52 -12.08 -20.17
CA ASP A 338 36.57 -12.13 -21.63
C ASP A 338 37.32 -10.86 -21.99
N GLY A 339 38.60 -11.00 -22.31
CA GLY A 339 39.30 -9.89 -22.93
C GLY A 339 39.12 -8.58 -22.19
N THR A 340 39.43 -8.58 -20.89
CA THR A 340 39.34 -7.36 -20.11
C THR A 340 40.29 -7.41 -18.92
N SER A 341 40.46 -6.26 -18.29
CA SER A 341 41.48 -6.08 -17.26
C SER A 341 41.25 -7.05 -16.11
N TYR A 342 39.98 -7.38 -15.90
CA TYR A 342 39.48 -7.87 -14.62
C TYR A 342 39.77 -9.33 -14.29
N VAL A 343 39.97 -9.53 -13.00
CA VAL A 343 39.93 -10.86 -12.41
C VAL A 343 38.85 -10.83 -11.35
N ILE A 344 38.04 -11.89 -11.39
CA ILE A 344 37.03 -12.06 -10.36
C ILE A 344 37.58 -13.00 -9.31
N PRO A 345 37.67 -12.48 -8.08
CA PRO A 345 38.27 -13.12 -6.93
C PRO A 345 37.39 -14.22 -6.36
N THR A 346 38.01 -15.13 -5.63
CA THR A 346 37.28 -15.99 -4.70
C THR A 346 36.65 -15.11 -3.62
N SER A 347 35.76 -15.71 -2.82
CA SER A 347 35.05 -14.96 -1.79
C SER A 347 34.37 -13.75 -2.42
N HIS A 348 34.14 -13.83 -3.73
CA HIS A 348 33.12 -13.05 -4.40
C HIS A 348 31.97 -14.01 -4.69
N ASN A 349 30.74 -13.49 -4.67
CA ASN A 349 29.66 -14.10 -5.43
C ASN A 349 29.55 -13.48 -6.82
N VAL A 350 28.84 -14.17 -7.71
CA VAL A 350 28.34 -13.49 -8.90
C VAL A 350 26.82 -13.55 -9.04
N LEU A 351 26.29 -12.51 -9.67
CA LEU A 351 24.85 -12.33 -9.82
C LEU A 351 24.51 -12.02 -11.27
N SER A 352 23.80 -12.93 -11.92
CA SER A 352 23.20 -12.67 -13.23
C SER A 352 21.75 -12.25 -13.09
N SER A 353 21.30 -11.35 -13.96
CA SER A 353 19.91 -10.94 -14.01
C SER A 353 19.32 -11.13 -15.40
N PRO A 354 18.55 -12.22 -15.60
CA PRO A 354 17.95 -12.46 -16.91
C PRO A 354 17.00 -11.35 -17.34
N GLY A 355 16.32 -10.75 -16.38
CA GLY A 355 15.25 -9.80 -16.67
C GLY A 355 15.77 -8.52 -17.30
N VAL A 356 16.99 -8.14 -16.94
CA VAL A 356 17.56 -6.87 -17.39
C VAL A 356 17.63 -6.85 -18.91
N THR A 357 18.25 -7.89 -19.44
CA THR A 357 18.46 -8.02 -20.88
C THR A 357 17.10 -8.03 -21.57
N ALA A 358 16.14 -8.62 -20.87
CA ALA A 358 14.77 -8.78 -21.35
C ALA A 358 13.96 -7.49 -21.26
N ARG A 359 14.46 -6.53 -20.48
CA ARG A 359 13.84 -5.21 -20.43
C ARG A 359 14.68 -4.14 -21.12
N SER A 360 15.42 -4.54 -22.15
CA SER A 360 16.39 -3.63 -22.75
C SER A 360 16.02 -3.23 -24.17
N GLU A 361 16.20 -1.94 -24.44
CA GLU A 361 15.87 -1.35 -25.73
C GLU A 361 16.75 -1.99 -26.79
N GLU A 362 17.93 -2.42 -26.35
CA GLU A 362 18.91 -3.08 -27.20
C GLU A 362 18.39 -4.43 -27.70
N HIS A 363 17.52 -5.06 -26.92
CA HIS A 363 16.96 -6.35 -27.28
C HIS A 363 15.46 -6.27 -27.54
N PHE A 364 14.82 -5.30 -26.89
CA PHE A 364 13.36 -5.16 -27.01
C PHE A 364 12.94 -3.70 -27.17
N PRO A 365 12.28 -3.39 -28.29
CA PRO A 365 11.82 -2.02 -28.48
C PRO A 365 10.72 -1.68 -27.47
N ASN A 366 10.81 -0.50 -26.88
CA ASN A 366 9.76 -0.01 -26.00
C ASN A 366 9.58 -0.96 -24.81
N PRO A 367 10.66 -1.25 -24.08
CA PRO A 367 10.68 -2.47 -23.27
C PRO A 367 9.59 -2.53 -22.19
N LEU A 368 9.29 -1.40 -21.56
CA LEU A 368 8.37 -1.39 -20.42
C LEU A 368 6.91 -1.54 -20.85
N GLU A 369 6.66 -1.45 -22.15
CA GLU A 369 5.33 -1.64 -22.71
C GLU A 369 4.97 -3.13 -22.68
N TRP A 370 3.91 -3.49 -21.96
CA TRP A 370 3.42 -4.86 -22.00
C TRP A 370 2.56 -5.07 -23.24
N ASN A 371 3.18 -5.65 -24.26
CA ASN A 371 2.50 -5.95 -25.51
C ASN A 371 2.78 -7.37 -25.99
N PRO A 372 1.78 -8.26 -25.88
CA PRO A 372 1.91 -9.62 -26.40
C PRO A 372 2.28 -9.66 -27.88
N HIS A 373 1.77 -8.72 -28.66
CA HIS A 373 1.81 -8.84 -30.12
C HIS A 373 3.24 -8.72 -30.67
N ARG A 374 4.17 -8.27 -29.84
CA ARG A 374 5.58 -8.18 -30.22
C ARG A 374 6.17 -9.55 -30.51
N TRP A 375 5.39 -10.60 -30.24
CA TRP A 375 5.84 -11.96 -30.51
C TRP A 375 5.16 -12.46 -31.78
N ASP A 376 4.65 -11.50 -32.56
CA ASP A 376 3.96 -11.78 -33.81
C ASP A 376 4.99 -12.11 -34.88
N GLU A 377 6.23 -12.22 -34.41
CA GLU A 377 7.34 -12.78 -35.18
C GLU A 377 7.82 -14.12 -34.62
N ASN A 378 7.52 -14.41 -33.37
CA ASN A 378 8.04 -15.60 -32.70
C ASN A 378 7.12 -16.28 -31.68
N ILE A 379 7.07 -17.61 -31.71
CA ILE A 379 6.47 -18.41 -30.64
C ILE A 379 7.23 -19.71 -30.34
N ALA A 380 7.47 -19.97 -29.07
CA ALA A 380 8.01 -21.26 -28.62
C ALA A 380 7.72 -21.46 -27.13
N ALA A 381 7.81 -22.68 -26.62
CA ALA A 381 8.35 -22.83 -25.27
C ALA A 381 9.71 -22.24 -25.54
N SER A 382 10.37 -21.64 -24.55
CA SER A 382 11.62 -20.97 -24.86
C SER A 382 12.50 -21.90 -25.70
N ALA A 383 12.86 -21.41 -26.88
CA ALA A 383 13.44 -22.26 -27.92
C ALA A 383 14.66 -21.52 -28.48
N GLU A 384 15.58 -22.23 -29.12
CA GLU A 384 16.77 -21.57 -29.64
C GLU A 384 17.38 -22.21 -30.87
N ASP A 385 17.85 -21.36 -31.77
CA ASP A 385 18.86 -21.74 -32.75
C ASP A 385 20.25 -21.62 -32.14
N ASP A 386 20.53 -22.45 -31.14
CA ASP A 386 21.78 -22.37 -30.39
C ASP A 386 21.98 -23.61 -29.52
N GLU A 387 23.12 -23.71 -28.86
CA GLU A 387 23.73 -24.98 -28.48
C GLU A 387 22.91 -25.77 -27.46
N LYS A 388 23.29 -27.03 -27.28
CA LYS A 388 22.63 -27.92 -26.32
C LYS A 388 23.61 -28.89 -25.66
N VAL A 389 23.25 -29.34 -24.46
CA VAL A 389 24.15 -30.14 -23.64
C VAL A 389 23.36 -31.05 -22.71
N ASP A 390 23.93 -32.21 -22.42
CA ASP A 390 23.37 -33.11 -21.41
C ASP A 390 24.24 -33.14 -20.16
N TYR A 391 23.82 -32.43 -19.12
CA TYR A 391 24.56 -32.36 -17.87
C TYR A 391 24.20 -33.53 -16.97
N GLY A 392 23.34 -34.41 -17.47
CA GLY A 392 22.90 -35.57 -16.69
C GLY A 392 21.40 -35.73 -16.59
N TYR A 393 20.64 -34.72 -16.99
CA TYR A 393 19.20 -34.84 -17.07
C TYR A 393 18.65 -34.60 -18.47
N GLY A 394 19.41 -35.05 -19.47
CA GLY A 394 18.95 -35.02 -20.84
C GLY A 394 19.39 -33.73 -21.50
N LEU A 395 19.38 -33.73 -22.83
CA LEU A 395 19.84 -32.57 -23.59
C LEU A 395 18.99 -31.36 -23.26
N VAL A 396 19.67 -30.25 -22.99
CA VAL A 396 19.01 -28.99 -22.69
C VAL A 396 19.89 -27.85 -23.20
N SER A 397 19.28 -26.68 -23.36
CA SER A 397 19.99 -25.55 -23.96
C SER A 397 21.14 -25.08 -23.07
N LYS A 398 22.36 -25.24 -23.53
CA LYS A 398 23.38 -24.25 -23.33
C LYS A 398 22.98 -23.07 -24.19
N GLY A 399 22.22 -23.33 -25.25
CA GLY A 399 22.10 -22.42 -26.37
C GLY A 399 21.20 -21.43 -25.72
N THR A 400 21.86 -20.69 -24.87
CA THR A 400 21.28 -19.83 -23.92
C THR A 400 22.05 -18.56 -24.10
N ASN A 401 21.86 -17.95 -25.25
CA ASN A 401 22.39 -16.62 -25.53
C ASN A 401 21.26 -15.61 -25.72
N SER A 402 20.04 -16.12 -25.80
CA SER A 402 18.86 -15.29 -25.97
C SER A 402 18.89 -14.14 -24.96
N PRO A 403 18.36 -12.97 -25.34
CA PRO A 403 18.20 -11.94 -24.33
C PRO A 403 17.06 -12.28 -23.38
N TYR A 404 16.19 -13.17 -23.84
CA TYR A 404 15.01 -13.59 -23.09
C TYR A 404 15.25 -14.97 -22.49
N LEU A 405 15.66 -15.02 -21.24
CA LEU A 405 15.96 -16.29 -20.58
C LEU A 405 15.27 -16.36 -19.21
N PRO A 406 13.95 -16.54 -19.19
CA PRO A 406 13.24 -16.36 -17.93
C PRO A 406 13.20 -17.65 -17.11
N PHE A 407 13.60 -18.75 -17.74
CA PHE A 407 13.68 -20.04 -17.08
C PHE A 407 15.13 -20.42 -16.80
N GLY A 408 16.01 -19.44 -16.99
CA GLY A 408 17.44 -19.63 -16.74
C GLY A 408 18.14 -20.30 -17.91
N ALA A 409 19.28 -20.91 -17.61
CA ALA A 409 20.12 -21.54 -18.62
C ALA A 409 21.11 -22.48 -17.95
N GLY A 410 21.77 -23.30 -18.77
CA GLY A 410 22.93 -24.05 -18.32
C GLY A 410 22.49 -25.25 -17.49
N ARG A 411 23.28 -25.60 -16.48
CA ARG A 411 23.09 -26.86 -15.79
C ARG A 411 21.95 -26.77 -14.78
N HIS A 412 21.63 -25.55 -14.37
CA HIS A 412 20.59 -25.30 -13.41
C HIS A 412 19.29 -24.86 -14.02
N ARG A 413 19.18 -25.01 -15.32
CA ARG A 413 18.04 -24.52 -16.06
C ARG A 413 16.75 -25.13 -15.51
N CYS A 414 15.69 -24.33 -15.53
CA CYS A 414 14.40 -24.76 -15.01
C CYS A 414 13.93 -25.99 -15.80
N ILE A 415 13.41 -26.98 -15.09
CA ILE A 415 12.77 -28.11 -15.76
C ILE A 415 11.26 -28.13 -15.57
N GLY A 416 10.73 -27.05 -15.02
CA GLY A 416 9.27 -26.93 -14.84
C GLY A 416 8.60 -26.24 -16.00
N GLU A 417 9.38 -25.88 -17.02
CA GLU A 417 8.96 -24.87 -17.98
C GLU A 417 7.71 -25.29 -18.76
N GLN A 418 7.66 -26.54 -19.21
CA GLN A 418 6.50 -27.02 -19.93
C GLN A 418 5.29 -27.08 -19.01
N PHE A 419 5.45 -27.71 -17.86
CA PHE A 419 4.39 -27.76 -16.87
C PHE A 419 3.89 -26.35 -16.54
N ALA A 420 4.81 -25.41 -16.36
CA ALA A 420 4.40 -24.03 -16.10
C ALA A 420 3.45 -23.60 -17.22
N TYR A 421 3.88 -23.82 -18.45
CA TYR A 421 3.11 -23.43 -19.62
C TYR A 421 1.78 -24.18 -19.68
N LEU A 422 1.87 -25.47 -19.37
CA LEU A 422 0.72 -26.35 -19.36
C LEU A 422 -0.31 -25.76 -18.39
N GLN A 423 0.17 -25.37 -17.22
CA GLN A 423 -0.70 -24.88 -16.16
C GLN A 423 -1.19 -23.46 -16.41
N LEU A 424 -0.26 -22.54 -16.64
CA LEU A 424 -0.62 -21.14 -16.79
C LEU A 424 -1.56 -21.02 -17.98
N GLY A 425 -1.19 -21.73 -19.05
CA GLY A 425 -2.02 -21.81 -20.24
C GLY A 425 -3.42 -22.29 -19.91
N THR A 426 -3.50 -23.40 -19.18
CA THR A 426 -4.77 -24.01 -18.82
C THR A 426 -5.58 -23.08 -17.92
N ILE A 427 -4.93 -22.49 -16.92
CA ILE A 427 -5.57 -21.52 -16.05
C ILE A 427 -6.07 -20.28 -16.82
N THR A 428 -5.23 -19.64 -17.62
CA THR A 428 -5.64 -18.39 -18.25
C THR A 428 -6.77 -18.63 -19.24
N ALA A 429 -6.66 -19.70 -20.02
CA ALA A 429 -7.68 -20.04 -21.02
C ALA A 429 -9.06 -20.18 -20.37
N VAL A 430 -9.15 -21.02 -19.35
CA VAL A 430 -10.38 -21.18 -18.60
C VAL A 430 -10.90 -19.81 -18.18
N LEU A 431 -10.09 -19.08 -17.42
CA LEU A 431 -10.50 -17.75 -16.96
C LEU A 431 -10.95 -16.89 -18.13
N VAL A 432 -10.36 -17.10 -19.30
CA VAL A 432 -10.77 -16.33 -20.47
C VAL A 432 -12.17 -16.73 -20.92
N ARG A 433 -12.47 -18.01 -20.81
CA ARG A 433 -13.82 -18.51 -21.09
C ARG A 433 -14.83 -17.77 -20.22
N LEU A 434 -14.61 -17.82 -18.91
CA LEU A 434 -15.66 -17.52 -17.94
C LEU A 434 -15.84 -16.03 -17.67
N PHE A 435 -14.77 -15.25 -17.85
CA PHE A 435 -14.74 -13.89 -17.30
C PHE A 435 -14.43 -12.80 -18.31
N ARG A 436 -14.85 -11.59 -18.00
CA ARG A 436 -14.13 -10.37 -18.34
C ARG A 436 -13.58 -9.75 -17.07
N PHE A 437 -12.33 -9.28 -17.10
CA PHE A 437 -11.81 -8.50 -16.00
C PHE A 437 -11.70 -7.04 -16.43
N ARG A 438 -11.66 -6.16 -15.43
CA ARG A 438 -11.46 -4.74 -15.68
C ARG A 438 -11.03 -4.12 -14.36
N ASN A 439 -10.40 -2.96 -14.46
CA ASN A 439 -9.70 -2.39 -13.32
C ASN A 439 -10.70 -1.76 -12.36
N LEU A 440 -10.32 -1.70 -11.09
CA LEU A 440 -11.29 -1.54 -10.01
C LEU A 440 -12.02 -0.20 -10.09
N PRO A 441 -11.30 0.93 -10.01
CA PRO A 441 -12.03 2.09 -9.53
C PRO A 441 -12.81 2.78 -10.65
N GLY A 442 -12.19 2.82 -11.83
CA GLY A 442 -12.04 4.07 -12.56
C GLY A 442 -10.71 4.74 -12.29
N VAL A 443 -9.94 4.17 -11.37
CA VAL A 443 -8.55 4.56 -11.18
C VAL A 443 -7.61 3.41 -11.54
N ASP A 444 -6.78 3.63 -12.55
CA ASP A 444 -6.06 2.52 -13.14
C ASP A 444 -4.59 2.73 -13.45
N GLY A 445 -3.95 1.61 -13.74
CA GLY A 445 -2.50 1.44 -13.73
C GLY A 445 -2.21 -0.03 -13.52
N ILE A 446 -1.01 -0.33 -13.03
CA ILE A 446 -0.63 -1.69 -12.63
C ILE A 446 0.15 -1.62 -11.33
N PRO A 447 -0.15 -2.51 -10.36
CA PRO A 447 0.52 -2.27 -9.09
C PRO A 447 2.02 -2.44 -9.18
N ASP A 448 2.73 -1.94 -8.16
CA ASP A 448 4.17 -2.16 -8.07
C ASP A 448 4.49 -3.60 -7.71
N THR A 449 5.78 -3.88 -7.63
CA THR A 449 6.31 -5.22 -7.45
C THR A 449 7.04 -5.30 -6.11
N ASP A 450 6.80 -6.37 -5.37
CA ASP A 450 7.60 -6.66 -4.17
C ASP A 450 8.75 -7.60 -4.53
N TYR A 451 9.89 -7.01 -4.75
CA TYR A 451 11.09 -7.76 -5.06
C TYR A 451 11.74 -8.21 -3.79
N SER A 452 11.22 -7.68 -2.69
CA SER A 452 11.94 -7.65 -1.44
C SER A 452 12.20 -9.06 -1.02
N SER A 453 11.23 -9.96 -1.10
CA SER A 453 11.61 -11.33 -0.88
C SER A 453 12.31 -11.65 -2.15
N LEU A 454 13.08 -12.73 -2.20
CA LEU A 454 13.98 -12.90 -3.33
C LEU A 454 13.36 -13.09 -4.71
N PHE A 455 12.22 -13.75 -4.73
CA PHE A 455 11.26 -13.79 -5.80
C PHE A 455 10.25 -12.66 -5.80
N SER A 456 10.08 -12.09 -6.99
CA SER A 456 9.15 -11.02 -7.29
C SER A 456 7.69 -11.41 -7.36
N LYS A 457 6.83 -10.54 -6.88
CA LYS A 457 5.39 -10.67 -7.04
C LYS A 457 4.74 -9.30 -7.04
N PRO A 458 3.40 -9.24 -7.20
CA PRO A 458 2.71 -7.97 -6.99
C PRO A 458 2.75 -7.54 -5.54
N LEU A 459 2.99 -6.24 -5.34
CA LEU A 459 3.15 -5.69 -4.01
C LEU A 459 1.82 -5.63 -3.26
N GLY A 460 0.78 -5.21 -3.99
CA GLY A 460 -0.46 -4.78 -3.35
C GLY A 460 -1.24 -5.96 -2.80
N ARG A 461 -2.18 -5.68 -1.91
CA ARG A 461 -3.48 -6.35 -1.94
C ARG A 461 -4.27 -5.68 -3.06
N SER A 462 -4.23 -6.29 -4.24
CA SER A 462 -4.78 -5.67 -5.44
C SER A 462 -6.07 -6.39 -5.81
N PHE A 463 -7.19 -5.71 -5.63
CA PHE A 463 -8.47 -6.20 -6.13
C PHE A 463 -8.65 -5.80 -7.58
N VAL A 464 -9.42 -6.61 -8.31
CA VAL A 464 -9.92 -6.21 -9.62
C VAL A 464 -11.35 -6.71 -9.80
N GLU A 465 -12.13 -5.94 -10.55
CA GLU A 465 -13.50 -6.33 -10.89
C GLU A 465 -13.48 -7.61 -11.70
N PHE A 466 -14.63 -8.29 -11.71
CA PHE A 466 -14.86 -9.41 -12.61
C PHE A 466 -16.33 -9.36 -13.01
N GLU A 467 -16.61 -9.69 -14.27
CA GLU A 467 -17.96 -9.98 -14.69
C GLU A 467 -18.03 -11.27 -15.51
N LYS A 468 -19.02 -12.09 -15.20
CA LYS A 468 -19.17 -13.37 -15.86
C LYS A 468 -19.77 -13.18 -17.24
N ARG A 469 -19.80 -14.26 -18.02
CA ARG A 469 -20.25 -14.17 -19.41
C ARG A 469 -21.65 -14.74 -19.57
N HIS A 470 -22.12 -15.47 -18.56
CA HIS A 470 -23.47 -16.04 -18.63
C HIS A 470 -24.19 -15.99 -17.29
N LYS B 1 21.75 16.99 29.91
CA LYS B 1 21.05 17.26 28.63
C LYS B 1 19.70 17.92 28.91
N THR B 2 19.55 18.45 30.12
CA THR B 2 18.31 19.12 30.50
C THR B 2 17.17 18.11 30.41
N PRO B 3 16.10 18.40 29.65
CA PRO B 3 15.08 17.36 29.69
C PRO B 3 15.63 16.05 29.12
N PRO B 4 15.05 14.91 29.51
CA PRO B 4 15.72 13.71 29.02
C PRO B 4 15.65 13.59 27.50
N VAL B 5 16.63 12.88 26.95
CA VAL B 5 16.82 12.81 25.50
C VAL B 5 16.48 11.44 24.95
N VAL B 6 15.51 11.38 24.04
CA VAL B 6 15.24 10.15 23.31
C VAL B 6 16.45 9.75 22.46
N PHE B 7 16.47 8.47 22.09
CA PHE B 7 17.70 7.80 21.68
C PHE B 7 17.76 7.67 20.17
N HIS B 8 18.87 8.12 19.60
CA HIS B 8 19.05 8.17 18.16
C HIS B 8 20.53 8.08 17.80
N TRP B 9 20.83 7.37 16.71
CA TRP B 9 22.21 7.15 16.29
C TRP B 9 22.77 8.43 15.72
N PHE B 10 21.93 9.14 14.97
CA PHE B 10 22.38 10.12 14.01
C PHE B 10 21.87 11.53 14.29
N PRO B 11 22.77 12.51 14.20
CA PRO B 11 22.28 13.83 14.62
C PRO B 11 21.29 14.50 13.68
N PHE B 12 21.56 14.54 12.38
CA PHE B 12 20.74 15.37 11.50
C PHE B 12 19.31 14.82 11.42
N ILE B 13 19.20 13.54 11.10
CA ILE B 13 17.93 12.86 10.94
C ILE B 13 17.27 12.60 12.28
N GLY B 14 18.09 12.15 13.22
CA GLY B 14 17.65 11.84 14.57
C GLY B 14 16.43 10.93 14.56
N SER B 15 15.39 11.34 15.28
CA SER B 15 14.20 10.52 15.45
C SER B 15 13.02 11.02 14.64
N THR B 16 13.29 11.69 13.52
CA THR B 16 12.20 12.12 12.65
C THR B 16 11.41 10.89 12.22
N ILE B 17 12.16 9.90 11.72
CA ILE B 17 11.51 8.78 11.06
C ILE B 17 10.44 8.24 11.97
N SER B 18 10.90 7.83 13.17
CA SER B 18 9.97 7.27 14.14
C SER B 18 8.76 8.18 14.27
N TYR B 19 9.04 9.48 14.31
CA TYR B 19 7.95 10.45 14.42
C TYR B 19 7.08 10.38 13.17
N GLY B 20 7.74 10.29 12.02
CA GLY B 20 7.04 10.21 10.74
C GLY B 20 6.16 8.98 10.61
N ILE B 21 6.71 7.80 10.82
CA ILE B 21 5.91 6.62 10.54
C ILE B 21 4.67 6.47 11.38
N ASP B 22 4.81 6.54 12.69
CA ASP B 22 3.65 6.62 13.54
C ASP B 22 3.98 7.49 14.70
N PRO B 23 3.49 8.77 14.67
CA PRO B 23 3.79 9.57 15.86
C PRO B 23 3.21 8.97 17.12
N TYR B 24 2.01 8.45 17.05
CA TYR B 24 1.26 8.02 18.23
C TYR B 24 1.97 6.88 18.95
N LYS B 25 2.29 5.82 18.21
CA LYS B 25 2.99 4.66 18.78
C LYS B 25 4.30 5.10 19.42
N PHE B 26 4.99 6.02 18.75
CA PHE B 26 6.33 6.40 19.15
C PHE B 26 6.33 7.19 20.45
N PHE B 27 5.26 7.93 20.70
CA PHE B 27 5.14 8.66 21.96
C PHE B 27 4.96 7.69 23.13
N PHE B 28 4.26 6.59 22.89
CA PHE B 28 4.02 5.62 23.95
C PHE B 28 5.32 4.91 24.34
N ASP B 29 6.14 4.58 23.36
CA ASP B 29 7.47 4.05 23.64
C ASP B 29 8.25 5.01 24.53
N CYS B 30 8.25 6.29 24.15
CA CYS B 30 8.97 7.30 24.90
C CYS B 30 8.37 7.49 26.29
N ARG B 31 7.06 7.32 26.39
CA ARG B 31 6.31 7.61 27.61
C ARG B 31 6.51 6.54 28.68
N ALA B 32 6.39 5.27 28.29
CA ALA B 32 6.59 4.17 29.21
C ALA B 32 8.04 4.13 29.67
N LYS B 33 8.91 4.68 28.82
CA LYS B 33 10.35 4.64 29.03
C LYS B 33 10.88 5.91 29.70
N TYR B 34 10.39 7.06 29.28
CA TYR B 34 10.92 8.33 29.77
C TYR B 34 9.89 9.17 30.54
N GLY B 35 8.78 8.55 30.93
CA GLY B 35 7.73 9.26 31.67
C GLY B 35 6.82 10.07 30.76
N ASP B 36 6.37 11.22 31.25
CA ASP B 36 5.41 12.03 30.49
C ASP B 36 6.00 13.36 30.02
N ILE B 37 7.32 13.47 30.10
CA ILE B 37 8.05 14.46 29.30
C ILE B 37 9.37 13.90 28.79
N PHE B 38 9.65 14.23 27.54
CA PHE B 38 10.95 13.93 26.95
C PHE B 38 11.07 14.92 25.80
N THR B 39 12.24 14.92 25.15
CA THR B 39 12.53 15.93 24.16
C THR B 39 13.38 15.31 23.05
N PHE B 40 12.75 15.09 21.91
CA PHE B 40 13.43 14.41 20.80
C PHE B 40 13.80 15.39 19.71
N ILE B 41 14.90 15.06 19.04
CA ILE B 41 15.41 15.87 17.94
C ILE B 41 14.54 15.66 16.70
N LEU B 42 14.32 16.73 15.96
CA LEU B 42 13.63 16.64 14.68
C LEU B 42 14.31 17.47 13.60
N LEU B 43 14.71 16.80 12.52
CA LEU B 43 15.29 17.48 11.36
C LEU B 43 16.31 18.53 11.79
N GLY B 44 17.20 18.11 12.69
CA GLY B 44 18.25 18.97 13.20
C GLY B 44 17.72 20.02 14.15
N LYS B 45 16.63 19.69 14.82
CA LYS B 45 16.07 20.53 15.88
C LYS B 45 15.18 19.81 16.87
N LYS B 46 15.22 20.24 18.13
CA LYS B 46 14.92 19.37 19.27
C LYS B 46 13.63 19.72 20.00
N THR B 47 12.58 18.95 19.77
CA THR B 47 11.29 19.20 20.43
C THR B 47 11.15 18.45 21.75
N THR B 48 10.64 19.15 22.75
CA THR B 48 10.09 18.54 23.95
C THR B 48 8.64 18.11 23.72
N VAL B 49 8.37 16.82 23.87
CA VAL B 49 7.01 16.36 24.05
C VAL B 49 6.65 16.45 25.53
N TYR B 50 5.44 16.93 25.80
CA TYR B 50 4.89 16.88 27.15
C TYR B 50 3.45 16.40 27.15
N LEU B 51 3.21 15.34 27.91
CA LEU B 51 2.05 14.47 27.66
C LEU B 51 1.07 14.42 28.83
N GLY B 52 -0.16 14.02 28.51
CA GLY B 52 -1.21 13.85 29.52
C GLY B 52 -2.06 15.10 29.69
N THR B 53 -3.27 14.95 30.23
CA THR B 53 -4.15 16.09 30.42
C THR B 53 -3.47 17.19 31.24
N LYS B 54 -2.77 16.79 32.29
CA LYS B 54 -1.77 17.65 32.92
C LYS B 54 -0.71 17.98 31.86
N GLY B 55 -0.35 16.93 31.12
CA GLY B 55 0.60 17.05 30.02
C GLY B 55 0.32 18.18 29.05
N ASN B 56 -0.93 18.31 28.62
CA ASN B 56 -1.30 19.38 27.71
C ASN B 56 -0.96 20.71 28.37
N ASP B 57 -1.47 20.86 29.59
CA ASP B 57 -0.77 21.67 30.58
C ASP B 57 -0.62 23.03 29.93
N PHE B 58 0.61 23.55 29.90
CA PHE B 58 0.81 24.97 29.64
C PHE B 58 0.98 25.47 28.20
N ILE B 59 0.83 24.57 27.24
CA ILE B 59 1.35 24.81 25.89
C ILE B 59 0.17 25.53 25.27
N LEU B 60 -0.99 24.91 25.37
CA LEU B 60 -2.16 25.64 25.04
C LEU B 60 -2.43 26.72 26.08
N ASN B 61 -2.46 26.31 27.34
CA ASN B 61 -2.77 27.23 28.43
C ASN B 61 -1.70 28.31 28.50
N GLY B 62 -0.64 28.10 27.73
CA GLY B 62 0.57 28.91 27.83
C GLY B 62 0.29 30.36 27.49
N LYS B 63 0.71 31.26 28.37
CA LYS B 63 0.52 32.69 28.15
C LYS B 63 1.28 33.11 26.89
N LEU B 64 0.66 34.00 26.12
CA LEU B 64 1.19 34.43 24.83
C LEU B 64 2.67 34.78 24.92
N ARG B 65 3.05 35.25 26.10
CA ARG B 65 4.45 35.38 26.47
C ARG B 65 5.19 34.08 26.19
N ASP B 66 4.78 32.99 26.83
CA ASP B 66 5.54 31.76 26.77
C ASP B 66 5.67 30.95 25.47
N VAL B 67 4.58 30.63 24.78
CA VAL B 67 4.73 29.92 23.52
C VAL B 67 4.26 30.75 22.32
N CYS B 68 4.94 30.68 21.20
CA CYS B 68 4.45 31.42 20.03
C CYS B 68 4.33 30.56 18.78
N ALA B 69 3.12 30.44 18.25
CA ALA B 69 2.86 29.57 17.11
C ALA B 69 3.44 29.93 15.74
N GLU B 70 3.31 31.19 15.35
CA GLU B 70 3.63 31.55 13.98
C GLU B 70 5.08 31.33 13.71
N GLU B 71 5.90 31.68 14.67
CA GLU B 71 7.35 31.61 14.52
C GLU B 71 7.75 30.42 13.66
N VAL B 72 7.29 29.23 14.03
CA VAL B 72 7.74 28.00 13.36
C VAL B 72 6.85 27.61 12.19
N TYR B 73 5.61 28.08 12.20
CA TYR B 73 4.66 27.79 11.13
C TYR B 73 4.83 28.69 9.91
N SER B 74 5.04 29.98 10.14
CA SER B 74 4.94 30.98 9.08
C SER B 74 5.57 30.56 7.76
N PRO B 75 6.83 30.09 7.78
CA PRO B 75 7.54 29.91 6.53
C PRO B 75 6.91 28.91 5.57
N LEU B 76 6.14 27.96 6.09
CA LEU B 76 5.42 26.98 5.28
C LEU B 76 4.05 27.51 4.89
N THR B 77 3.40 28.18 5.84
CA THR B 77 2.00 28.56 5.73
C THR B 77 1.81 29.74 4.78
N THR B 78 2.66 30.74 4.94
CA THR B 78 2.40 32.07 4.39
C THR B 78 2.43 32.06 2.86
N PRO B 79 3.42 31.36 2.26
CA PRO B 79 3.44 31.20 0.82
C PRO B 79 2.16 30.59 0.27
N VAL B 80 1.47 29.84 1.12
CA VAL B 80 0.23 29.16 0.75
C VAL B 80 -0.99 30.07 0.89
N PHE B 81 -1.24 30.55 2.11
CA PHE B 81 -2.41 31.38 2.38
C PHE B 81 -2.27 32.75 1.75
N GLY B 82 -1.04 33.24 1.68
CA GLY B 82 -0.78 34.66 1.46
C GLY B 82 -0.37 35.42 2.71
N ARG B 83 -0.10 36.70 2.55
CA ARG B 83 0.54 37.52 3.58
C ARG B 83 -0.50 38.22 4.44
N HIS B 84 -0.06 38.71 5.60
CA HIS B 84 -0.90 39.54 6.47
C HIS B 84 -2.11 38.79 7.01
N VAL B 85 -1.97 37.47 7.07
CA VAL B 85 -3.02 36.67 7.70
C VAL B 85 -2.36 35.57 8.55
N VAL B 86 -3.06 35.20 9.61
CA VAL B 86 -2.66 34.05 10.40
C VAL B 86 -1.25 34.25 10.92
N TYR B 87 -0.32 33.41 10.45
CA TYR B 87 1.00 33.36 11.07
C TYR B 87 2.01 34.27 10.38
N ASP B 88 1.52 35.12 9.47
CA ASP B 88 2.34 36.22 8.99
C ASP B 88 1.93 37.55 9.59
N CYS B 89 0.91 37.51 10.43
CA CYS B 89 0.47 38.70 11.16
C CYS B 89 0.59 38.41 12.66
N PRO B 90 1.16 39.35 13.41
CA PRO B 90 1.47 38.95 14.77
C PRO B 90 0.24 38.44 15.50
N ASN B 91 0.46 37.75 16.62
CA ASN B 91 -0.61 37.05 17.32
C ASN B 91 -1.83 37.94 17.49
N ALA B 92 -1.57 39.19 17.86
CA ALA B 92 -2.64 40.15 18.13
C ALA B 92 -3.58 40.28 16.93
N LYS B 93 -3.00 40.44 15.75
CA LYS B 93 -3.75 40.50 14.50
C LYS B 93 -4.63 39.25 14.33
N LEU B 94 -4.00 38.09 14.44
CA LEU B 94 -4.63 36.83 14.06
C LEU B 94 -5.75 36.50 15.04
N MET B 95 -5.66 37.04 16.25
CA MET B 95 -6.72 36.91 17.23
C MET B 95 -7.98 37.62 16.73
N GLU B 96 -7.80 38.81 16.19
CA GLU B 96 -8.91 39.59 15.66
C GLU B 96 -9.59 38.86 14.50
N GLN B 97 -8.76 38.35 13.58
CA GLN B 97 -9.28 37.66 12.40
C GLN B 97 -10.14 36.47 12.80
N LYS B 98 -9.78 35.83 13.89
CA LYS B 98 -10.56 34.70 14.32
C LYS B 98 -11.94 35.15 14.71
N LYS B 99 -12.04 36.21 15.51
CA LYS B 99 -13.34 36.81 15.72
C LYS B 99 -14.02 37.07 14.37
N PHE B 100 -13.22 37.50 13.41
CA PHE B 100 -13.71 37.74 12.05
C PHE B 100 -14.12 36.46 11.32
N VAL B 101 -13.55 35.33 11.72
CA VAL B 101 -14.02 34.08 11.12
C VAL B 101 -15.22 33.65 11.94
N LYS B 102 -15.19 33.85 13.26
CA LYS B 102 -16.32 33.47 14.10
C LYS B 102 -17.51 34.38 13.87
N TYR B 103 -17.26 35.67 13.67
CA TYR B 103 -18.32 36.59 13.27
C TYR B 103 -19.11 35.94 12.14
N GLY B 104 -18.40 35.26 11.25
CA GLY B 104 -19.00 34.64 10.08
C GLY B 104 -19.89 33.48 10.47
N LEU B 105 -19.47 32.76 11.50
CA LEU B 105 -20.16 31.55 11.92
C LEU B 105 -21.18 31.85 13.01
N THR B 106 -22.32 32.40 12.57
CA THR B 106 -23.37 32.85 13.47
C THR B 106 -24.47 31.81 13.50
N SER B 107 -25.02 31.56 14.68
CA SER B 107 -26.06 30.55 14.83
C SER B 107 -27.03 30.62 13.65
N ASP B 108 -27.09 31.80 13.03
CA ASP B 108 -27.99 32.04 11.90
C ASP B 108 -27.35 31.67 10.57
N ALA B 109 -26.04 31.89 10.47
CA ALA B 109 -25.27 31.55 9.27
C ALA B 109 -25.38 30.06 8.97
N LEU B 110 -25.14 29.26 10.01
CA LEU B 110 -25.07 27.80 9.86
C LEU B 110 -26.40 27.26 9.32
N ARG B 111 -27.48 27.64 10.00
CA ARG B 111 -28.81 27.22 9.59
C ARG B 111 -28.94 27.42 8.09
N SER B 112 -28.36 28.53 7.63
CA SER B 112 -28.35 28.89 6.22
C SER B 112 -27.59 27.87 5.39
N TYR B 113 -26.52 27.34 5.97
CA TYR B 113 -25.63 26.43 5.25
C TYR B 113 -26.27 25.08 4.94
N VAL B 114 -27.11 24.60 5.85
CA VAL B 114 -27.47 23.19 5.87
C VAL B 114 -28.17 22.74 4.59
N PRO B 115 -29.21 23.47 4.16
CA PRO B 115 -29.84 23.07 2.90
C PRO B 115 -28.87 23.10 1.72
N LEU B 116 -27.85 23.95 1.81
CA LEU B 116 -26.87 24.09 0.74
C LEU B 116 -26.02 22.83 0.64
N ILE B 117 -25.53 22.38 1.80
CA ILE B 117 -24.78 21.14 1.89
C ILE B 117 -25.64 19.94 1.51
N THR B 118 -26.87 19.92 2.01
CA THR B 118 -27.77 18.80 1.80
C THR B 118 -27.74 18.38 0.32
N ASP B 119 -28.01 19.33 -0.57
CA ASP B 119 -28.24 18.99 -1.96
C ASP B 119 -26.95 19.01 -2.78
N GLU B 120 -25.87 19.53 -2.21
CA GLU B 120 -24.54 19.24 -2.73
C GLU B 120 -24.28 17.75 -2.61
N VAL B 121 -24.57 17.22 -1.43
CA VAL B 121 -24.38 15.80 -1.15
C VAL B 121 -25.44 14.95 -1.86
N GLU B 122 -26.51 15.59 -2.33
CA GLU B 122 -27.52 14.87 -3.12
C GLU B 122 -27.22 14.95 -4.61
N SER B 123 -26.88 16.14 -5.08
CA SER B 123 -26.52 16.33 -6.48
C SER B 123 -25.25 15.55 -6.84
N PHE B 124 -24.28 15.50 -5.93
CA PHE B 124 -23.08 14.70 -6.17
C PHE B 124 -23.49 13.25 -6.42
N VAL B 125 -24.11 12.66 -5.40
CA VAL B 125 -24.55 11.28 -5.44
C VAL B 125 -25.37 11.01 -6.71
N LYS B 126 -25.97 12.06 -7.26
CA LYS B 126 -26.91 11.92 -8.37
C LYS B 126 -26.19 11.91 -9.72
N ASN B 127 -25.15 12.74 -9.85
CA ASN B 127 -24.53 12.96 -11.16
C ASN B 127 -23.10 12.45 -11.26
N SER B 128 -22.44 12.32 -10.12
CA SER B 128 -21.06 11.85 -10.10
C SER B 128 -21.00 10.39 -10.52
N PRO B 129 -19.94 10.01 -11.26
CA PRO B 129 -19.81 8.59 -11.58
C PRO B 129 -19.39 7.74 -10.39
N ALA B 130 -19.03 8.37 -9.27
CA ALA B 130 -18.62 7.62 -8.09
C ALA B 130 -19.61 6.52 -7.74
N PHE B 131 -20.91 6.82 -7.77
CA PHE B 131 -21.91 5.93 -7.20
C PHE B 131 -22.93 5.37 -8.19
N GLN B 132 -22.63 5.44 -9.48
CA GLN B 132 -23.64 5.06 -10.46
C GLN B 132 -24.02 3.59 -10.25
N GLY B 133 -25.32 3.30 -10.30
CA GLY B 133 -25.81 1.94 -10.19
C GLY B 133 -26.22 1.54 -8.79
N HIS B 134 -26.97 0.44 -8.70
CA HIS B 134 -27.61 -0.02 -7.47
C HIS B 134 -26.59 -0.33 -6.38
N LYS B 135 -25.61 -1.15 -6.72
CA LYS B 135 -24.50 -1.45 -5.81
C LYS B 135 -23.18 -1.27 -6.54
N GLY B 136 -22.10 -1.16 -5.79
CA GLY B 136 -20.77 -1.22 -6.37
C GLY B 136 -19.69 -0.77 -5.41
N VAL B 137 -18.58 -0.35 -5.99
CA VAL B 137 -17.38 -0.02 -5.23
C VAL B 137 -17.02 1.42 -5.53
N PHE B 138 -16.43 2.09 -4.54
CA PHE B 138 -16.05 3.48 -4.70
C PHE B 138 -14.89 3.85 -3.77
N ASP B 139 -14.00 4.68 -4.32
CA ASP B 139 -12.77 5.09 -3.65
C ASP B 139 -13.10 6.11 -2.57
N VAL B 140 -12.87 5.74 -1.32
CA VAL B 140 -13.45 6.46 -0.20
C VAL B 140 -12.88 7.87 -0.09
N CYS B 141 -11.56 7.96 0.05
CA CYS B 141 -10.90 9.24 0.36
C CYS B 141 -11.09 10.25 -0.77
N LYS B 142 -10.89 9.79 -2.01
CA LYS B 142 -11.03 10.66 -3.17
C LYS B 142 -12.45 11.21 -3.24
N THR B 143 -13.43 10.31 -3.11
CA THR B 143 -14.83 10.68 -3.24
C THR B 143 -15.28 11.62 -2.12
N ILE B 144 -14.79 11.38 -0.91
CA ILE B 144 -15.11 12.25 0.22
C ILE B 144 -14.48 13.63 0.07
N ALA B 145 -13.30 13.69 -0.53
CA ALA B 145 -12.60 14.96 -0.70
C ALA B 145 -13.39 15.88 -1.63
N GLU B 146 -13.92 15.31 -2.71
CA GLU B 146 -14.79 16.06 -3.60
C GLU B 146 -16.04 16.56 -2.88
N ILE B 147 -16.71 15.68 -2.13
CA ILE B 147 -17.90 16.08 -1.40
C ILE B 147 -17.59 17.19 -0.39
N THR B 148 -16.44 17.09 0.28
CA THR B 148 -16.09 18.04 1.32
C THR B 148 -15.65 19.38 0.74
N ILE B 149 -15.15 19.37 -0.49
CA ILE B 149 -14.79 20.61 -1.19
C ILE B 149 -16.03 21.27 -1.79
N TYR B 150 -16.97 20.45 -2.25
CA TYR B 150 -18.21 20.95 -2.84
C TYR B 150 -19.15 21.53 -1.78
N THR B 151 -19.07 21.01 -0.56
CA THR B 151 -20.01 21.40 0.49
C THR B 151 -19.48 22.61 1.28
N ALA B 152 -18.16 22.71 1.37
CA ALA B 152 -17.55 23.83 2.09
C ALA B 152 -17.56 25.08 1.22
N SER B 153 -17.07 24.93 -0.01
CA SER B 153 -16.98 26.07 -0.92
C SER B 153 -18.35 26.68 -1.15
N ARG B 154 -19.38 25.84 -1.25
CA ARG B 154 -20.71 26.35 -1.53
C ARG B 154 -21.24 27.23 -0.40
N SER B 155 -21.00 26.83 0.83
CA SER B 155 -21.59 27.52 1.96
C SER B 155 -20.63 28.56 2.49
N LEU B 156 -19.44 28.09 2.86
CA LEU B 156 -18.41 28.94 3.44
C LEU B 156 -17.97 30.01 2.45
N GLN B 157 -17.85 29.58 1.19
CA GLN B 157 -17.09 30.33 0.20
C GLN B 157 -18.00 31.07 -0.78
N GLY B 158 -19.19 30.53 -1.01
CA GLY B 158 -20.16 31.19 -1.88
C GLY B 158 -20.12 30.75 -3.33
N LYS B 159 -21.12 31.19 -4.09
CA LYS B 159 -21.50 30.57 -5.36
C LYS B 159 -20.40 30.68 -6.42
N GLU B 160 -19.73 31.82 -6.45
CA GLU B 160 -18.73 32.07 -7.50
C GLU B 160 -17.59 31.07 -7.35
N VAL B 161 -17.06 30.95 -6.14
CA VAL B 161 -15.95 30.06 -5.87
C VAL B 161 -16.32 28.60 -6.13
N ARG B 162 -17.48 28.19 -5.64
CA ARG B 162 -18.00 26.86 -5.93
C ARG B 162 -18.21 26.66 -7.43
N SER B 163 -18.75 27.67 -8.09
CA SER B 163 -18.96 27.62 -9.53
C SER B 163 -17.61 27.45 -10.24
N LYS B 164 -16.58 28.03 -9.65
CA LYS B 164 -15.24 27.98 -10.23
C LYS B 164 -14.60 26.59 -10.08
N PHE B 165 -15.04 25.83 -9.10
CA PHE B 165 -14.53 24.46 -8.96
C PHE B 165 -14.89 23.62 -10.18
N ASP B 166 -16.11 23.81 -10.70
CA ASP B 166 -16.55 23.13 -11.91
C ASP B 166 -15.67 23.48 -13.11
N SER B 167 -14.86 24.52 -12.94
CA SER B 167 -13.77 24.82 -13.87
C SER B 167 -12.55 23.98 -13.50
N THR B 168 -11.43 24.22 -14.18
CA THR B 168 -10.18 23.56 -13.83
C THR B 168 -9.52 24.36 -12.71
N PHE B 169 -10.36 25.15 -12.04
CA PHE B 169 -10.03 25.91 -10.84
C PHE B 169 -9.69 24.96 -9.70
N ALA B 170 -9.86 23.67 -9.96
CA ALA B 170 -9.40 22.62 -9.06
C ALA B 170 -7.87 22.61 -9.02
N GLU B 171 -7.27 22.77 -10.20
CA GLU B 171 -5.85 22.54 -10.39
C GLU B 171 -5.02 23.42 -9.46
N LEU B 172 -5.49 24.65 -9.24
CA LEU B 172 -4.74 25.60 -8.43
C LEU B 172 -4.61 25.07 -7.01
N TYR B 173 -5.75 24.74 -6.42
CA TYR B 173 -5.79 24.24 -5.05
C TYR B 173 -4.95 22.98 -4.92
N HIS B 174 -5.05 22.10 -5.92
CA HIS B 174 -4.17 20.94 -5.99
C HIS B 174 -2.71 21.36 -5.90
N ASN B 175 -2.35 22.41 -6.65
CA ASN B 175 -0.97 22.85 -6.70
C ASN B 175 -0.56 23.63 -5.45
N LEU B 176 -1.46 24.50 -4.99
CA LEU B 176 -1.24 25.21 -3.74
C LEU B 176 -0.99 24.20 -2.62
N ASP B 177 -1.67 23.06 -2.71
CA ASP B 177 -1.61 22.05 -1.66
C ASP B 177 -0.25 21.37 -1.63
N MET B 178 0.54 21.56 -2.68
CA MET B 178 1.91 21.07 -2.71
C MET B 178 2.78 21.90 -1.76
N GLY B 179 2.19 22.99 -1.26
CA GLY B 179 2.80 23.76 -0.19
C GLY B 179 2.98 22.96 1.09
N PHE B 180 2.22 21.88 1.23
CA PHE B 180 2.27 21.06 2.44
C PHE B 180 3.08 19.78 2.23
N ALA B 181 4.06 19.87 1.34
CA ALA B 181 4.98 18.77 1.11
C ALA B 181 5.99 18.73 2.27
N PRO B 182 6.30 17.51 2.76
CA PRO B 182 7.15 17.36 3.93
C PRO B 182 8.50 18.05 3.75
N ILE B 183 8.96 18.08 2.51
CA ILE B 183 10.23 18.74 2.21
C ILE B 183 10.11 20.20 2.61
N ASN B 184 8.91 20.73 2.40
CA ASN B 184 8.64 22.13 2.69
C ASN B 184 8.82 22.43 4.16
N PHE B 185 8.81 21.35 4.94
CA PHE B 185 9.22 21.45 6.34
C PHE B 185 10.67 21.89 6.41
N MET B 186 11.47 21.45 5.45
CA MET B 186 12.83 21.93 5.38
C MET B 186 13.00 23.16 4.49
N LEU B 187 12.33 23.16 3.34
CA LEU B 187 12.64 24.16 2.33
C LEU B 187 11.41 24.75 1.64
N PRO B 188 10.59 25.49 2.39
CA PRO B 188 9.52 26.13 1.64
C PRO B 188 10.06 27.21 0.71
N TRP B 189 11.16 27.83 1.12
CA TRP B 189 11.74 28.96 0.41
C TRP B 189 12.42 28.52 -0.90
N ALA B 190 12.98 27.32 -0.90
CA ALA B 190 13.70 26.83 -2.08
C ALA B 190 12.76 26.75 -3.27
N PRO B 191 13.19 27.29 -4.43
CA PRO B 191 12.25 27.46 -5.53
C PRO B 191 12.20 26.22 -6.42
N LEU B 192 12.07 25.06 -5.78
CA LEU B 192 11.80 23.81 -6.49
C LEU B 192 10.48 23.92 -7.24
N PRO B 193 10.32 23.15 -8.32
CA PRO B 193 9.15 23.29 -9.19
C PRO B 193 7.84 23.27 -8.43
N HIS B 194 7.70 22.37 -7.46
CA HIS B 194 6.45 22.25 -6.73
C HIS B 194 6.15 23.52 -5.94
N ASN B 195 7.22 24.13 -5.44
CA ASN B 195 7.14 25.46 -4.83
C ASN B 195 6.82 26.54 -5.86
N ARG B 196 7.45 26.43 -7.03
CA ARG B 196 7.22 27.37 -8.13
C ARG B 196 5.76 27.29 -8.59
N LYS B 197 5.23 26.08 -8.60
CA LYS B 197 3.82 25.85 -8.93
C LYS B 197 2.93 26.44 -7.85
N ARG B 198 3.32 26.21 -6.59
CA ARG B 198 2.56 26.71 -5.45
C ARG B 198 2.31 28.20 -5.59
N ASP B 199 3.37 28.93 -5.93
CA ASP B 199 3.32 30.39 -5.93
C ASP B 199 2.42 30.89 -7.06
N ALA B 200 2.62 30.35 -8.25
CA ALA B 200 1.75 30.61 -9.39
C ALA B 200 0.28 30.44 -9.01
N ALA B 201 -0.03 29.36 -8.29
CA ALA B 201 -1.39 29.11 -7.84
C ALA B 201 -1.85 30.17 -6.85
N GLN B 202 -1.02 30.44 -5.84
CA GLN B 202 -1.26 31.53 -4.90
C GLN B 202 -1.60 32.82 -5.63
N ARG B 203 -0.77 33.18 -6.61
CA ARG B 203 -0.98 34.39 -7.40
C ARG B 203 -2.38 34.38 -8.02
N LYS B 204 -2.72 33.25 -8.65
CA LYS B 204 -3.93 33.18 -9.47
C LYS B 204 -5.20 33.12 -8.63
N LEU B 205 -5.11 32.51 -7.45
CA LEU B 205 -6.28 32.39 -6.58
C LEU B 205 -6.62 33.75 -5.98
N THR B 206 -5.62 34.37 -5.36
CA THR B 206 -5.74 35.73 -4.86
C THR B 206 -6.33 36.65 -5.93
N GLU B 207 -5.70 36.66 -7.11
CA GLU B 207 -6.15 37.49 -8.22
C GLU B 207 -7.65 37.30 -8.43
N THR B 208 -8.08 36.04 -8.35
CA THR B 208 -9.46 35.69 -8.63
C THR B 208 -10.38 36.08 -7.47
N TYR B 209 -9.89 35.95 -6.25
CA TYR B 209 -10.70 36.26 -5.07
C TYR B 209 -10.97 37.75 -4.98
N MET B 210 -10.00 38.54 -5.44
CA MET B 210 -10.12 40.00 -5.37
C MET B 210 -11.09 40.54 -6.41
N GLU B 211 -10.99 40.02 -7.63
CA GLU B 211 -11.96 40.34 -8.68
C GLU B 211 -13.39 40.13 -8.21
N ILE B 212 -13.63 39.02 -7.53
CA ILE B 212 -14.97 38.61 -7.15
C ILE B 212 -15.58 39.65 -6.23
N ILE B 213 -14.83 40.03 -5.21
CA ILE B 213 -15.27 41.04 -4.25
C ILE B 213 -15.58 42.35 -4.97
N LYS B 214 -14.63 42.78 -5.80
CA LYS B 214 -14.81 43.98 -6.60
C LYS B 214 -16.15 43.96 -7.31
N ALA B 215 -16.48 42.81 -7.89
CA ALA B 215 -17.72 42.65 -8.66
C ALA B 215 -18.94 42.87 -7.78
N ARG B 216 -18.75 42.73 -6.46
CA ARG B 216 -19.83 42.89 -5.51
C ARG B 216 -19.87 44.31 -4.94
N ARG B 217 -18.68 44.85 -4.68
CA ARG B 217 -18.58 46.25 -4.29
C ARG B 217 -19.16 47.12 -5.40
N GLN B 218 -18.79 46.81 -6.64
CA GLN B 218 -19.21 47.59 -7.80
C GLN B 218 -20.72 47.52 -8.04
N ALA B 219 -21.43 46.70 -7.28
CA ALA B 219 -22.89 46.77 -7.23
C ALA B 219 -23.44 47.07 -5.84
N GLY B 220 -22.56 47.51 -4.95
CA GLY B 220 -22.99 48.00 -3.64
C GLY B 220 -24.09 47.15 -3.02
N SER B 221 -23.83 45.86 -2.89
CA SER B 221 -24.89 44.85 -2.78
C SER B 221 -24.77 43.91 -1.58
N LYS B 222 -25.80 43.09 -1.43
CA LYS B 222 -25.74 41.82 -0.72
C LYS B 222 -26.60 40.79 -1.45
N LYS B 223 -26.26 39.51 -1.35
CA LYS B 223 -27.13 38.46 -1.89
C LYS B 223 -27.45 37.30 -0.94
N ASP B 224 -26.50 36.94 -0.08
CA ASP B 224 -26.49 35.59 0.51
C ASP B 224 -25.64 35.60 1.78
N SER B 225 -25.55 34.47 2.49
CA SER B 225 -25.01 34.46 3.84
C SER B 225 -23.54 34.07 4.01
N GLU B 226 -22.79 34.02 2.92
CA GLU B 226 -21.45 33.45 2.92
C GLU B 226 -20.49 34.23 3.82
N ASP B 227 -19.34 33.62 4.12
CA ASP B 227 -18.28 34.31 4.86
C ASP B 227 -17.74 35.49 4.07
N MET B 228 -18.14 35.59 2.80
CA MET B 228 -17.53 36.52 1.87
C MET B 228 -18.29 37.82 1.78
N VAL B 229 -19.56 37.74 1.39
CA VAL B 229 -20.36 38.93 1.19
C VAL B 229 -20.37 39.66 2.53
N TRP B 230 -19.82 38.97 3.51
CA TRP B 230 -19.99 39.30 4.92
C TRP B 230 -18.59 39.56 5.46
N ASN B 231 -17.60 39.11 4.68
CA ASN B 231 -16.22 39.55 4.80
C ASN B 231 -15.98 40.91 4.14
N LEU B 232 -16.77 41.21 3.12
CA LEU B 232 -16.79 42.53 2.49
C LEU B 232 -17.05 43.60 3.54
N MET B 233 -17.94 43.24 4.47
CA MET B 233 -18.33 44.13 5.57
C MET B 233 -17.68 43.66 6.86
N SER B 234 -16.91 42.58 6.75
CA SER B 234 -16.12 42.06 7.87
C SER B 234 -14.89 42.92 8.08
N CYS B 235 -15.12 44.17 8.51
CA CYS B 235 -14.20 45.25 8.23
C CYS B 235 -13.97 46.08 9.48
N VAL B 236 -14.32 45.52 10.63
CA VAL B 236 -13.97 46.14 11.89
C VAL B 236 -12.46 46.09 12.06
N TYR B 237 -11.97 46.88 13.01
CA TYR B 237 -10.65 46.66 13.58
C TYR B 237 -10.53 47.58 14.79
N LYS B 238 -9.57 47.30 15.66
CA LYS B 238 -9.25 48.24 16.73
C LYS B 238 -8.98 49.62 16.14
N ASN B 239 -8.03 49.70 15.21
CA ASN B 239 -7.54 50.99 14.73
C ASN B 239 -8.38 51.55 13.60
N GLY B 240 -9.41 50.82 13.18
CA GLY B 240 -10.39 51.33 12.23
C GLY B 240 -10.02 51.16 10.77
N THR B 241 -8.98 50.38 10.49
CA THR B 241 -8.65 50.01 9.12
C THR B 241 -9.59 48.91 8.64
N PRO B 242 -10.41 49.20 7.62
CA PRO B 242 -11.27 48.14 7.10
C PRO B 242 -10.45 47.08 6.36
N VAL B 243 -10.95 45.85 6.35
CA VAL B 243 -10.14 44.71 5.91
C VAL B 243 -9.90 44.75 4.41
N PRO B 244 -8.63 44.81 4.03
CA PRO B 244 -8.20 44.86 2.63
C PRO B 244 -8.78 43.71 1.83
N ASP B 245 -9.26 43.99 0.63
CA ASP B 245 -9.69 42.95 -0.29
C ASP B 245 -8.70 41.79 -0.31
N GLU B 246 -7.42 42.15 -0.38
CA GLU B 246 -6.36 41.16 -0.51
C GLU B 246 -6.38 40.18 0.67
N GLU B 247 -6.54 40.72 1.87
CA GLU B 247 -6.52 39.91 3.08
C GLU B 247 -7.70 38.94 3.12
N ILE B 248 -8.87 39.44 2.74
CA ILE B 248 -10.08 38.63 2.75
C ILE B 248 -9.85 37.38 1.92
N ALA B 249 -9.25 37.58 0.76
CA ALA B 249 -8.95 36.48 -0.15
C ALA B 249 -8.12 35.42 0.58
N HIS B 250 -7.02 35.86 1.17
CA HIS B 250 -6.05 34.96 1.77
C HIS B 250 -6.64 34.18 2.93
N MET B 251 -7.60 34.79 3.62
CA MET B 251 -8.28 34.12 4.71
C MET B 251 -9.23 33.07 4.16
N MET B 252 -9.78 33.36 2.99
CA MET B 252 -10.64 32.42 2.28
C MET B 252 -9.84 31.20 1.84
N ILE B 253 -8.68 31.47 1.24
CA ILE B 253 -7.79 30.40 0.83
C ILE B 253 -7.40 29.55 2.03
N ALA B 254 -7.13 30.22 3.16
CA ALA B 254 -6.78 29.55 4.40
C ALA B 254 -7.95 28.73 4.93
N LEU B 255 -9.11 29.33 4.89
CA LEU B 255 -10.29 28.68 5.39
C LEU B 255 -10.64 27.47 4.60
N LEU B 256 -10.45 27.53 3.28
CA LEU B 256 -10.72 26.38 2.45
C LEU B 256 -9.78 25.27 2.81
N MET B 257 -8.52 25.63 2.98
CA MET B 257 -7.47 24.68 3.21
C MET B 257 -7.75 23.99 4.51
N ALA B 258 -8.18 24.76 5.48
CA ALA B 258 -8.44 24.24 6.78
C ALA B 258 -9.52 23.21 6.69
N GLY B 259 -10.48 23.45 5.84
CA GLY B 259 -11.67 22.60 5.75
C GLY B 259 -11.39 21.30 5.02
N GLN B 260 -10.68 21.39 3.90
CA GLN B 260 -10.34 20.18 3.16
C GLN B 260 -9.36 19.30 3.94
N HIS B 261 -8.50 19.95 4.68
CA HIS B 261 -7.61 19.25 5.60
C HIS B 261 -8.22 18.55 6.81
N SER B 262 -9.20 19.16 7.46
CA SER B 262 -9.75 18.58 8.66
C SER B 262 -10.89 17.64 8.42
N SER B 263 -11.88 18.11 7.69
CA SER B 263 -13.14 17.39 7.53
C SER B 263 -13.01 16.23 6.56
N SER B 264 -12.20 16.41 5.52
CA SER B 264 -12.17 15.46 4.42
C SER B 264 -11.70 14.08 4.89
N SER B 265 -10.63 14.06 5.68
CA SER B 265 -10.13 12.81 6.24
C SER B 265 -11.17 12.26 7.22
N THR B 266 -11.59 13.14 8.12
CA THR B 266 -12.44 12.76 9.24
C THR B 266 -13.75 12.17 8.74
N ALA B 267 -14.31 12.76 7.68
CA ALA B 267 -15.48 12.20 7.01
C ALA B 267 -15.13 10.91 6.27
N SER B 268 -13.89 10.81 5.81
CA SER B 268 -13.41 9.58 5.19
C SER B 268 -13.39 8.46 6.23
N TRP B 269 -12.71 8.73 7.33
CA TRP B 269 -12.68 7.81 8.47
C TRP B 269 -14.07 7.34 8.89
N ILE B 270 -15.05 8.23 8.80
CA ILE B 270 -16.39 7.93 9.29
C ILE B 270 -17.03 6.87 8.41
N VAL B 271 -16.88 7.04 7.10
CA VAL B 271 -17.44 6.11 6.14
C VAL B 271 -16.76 4.75 6.28
N LEU B 272 -15.45 4.79 6.50
CA LEU B 272 -14.67 3.58 6.71
C LEU B 272 -15.22 2.78 7.89
N ARG B 273 -15.31 3.46 9.03
CA ARG B 273 -15.79 2.84 10.26
C ARG B 273 -17.18 2.25 10.07
N LEU B 274 -18.07 3.03 9.47
CA LEU B 274 -19.45 2.61 9.29
C LEU B 274 -19.54 1.36 8.43
N ALA B 275 -18.50 1.12 7.63
CA ALA B 275 -18.49 -0.02 6.72
C ALA B 275 -18.11 -1.31 7.44
N THR B 276 -17.41 -1.17 8.57
CA THR B 276 -17.16 -2.30 9.45
C THR B 276 -18.32 -2.54 10.40
N ARG B 277 -19.20 -1.55 10.53
CA ARG B 277 -20.20 -1.56 11.60
C ARG B 277 -21.61 -1.30 11.05
N PRO B 278 -22.16 -2.28 10.33
CA PRO B 278 -23.54 -2.15 9.85
C PRO B 278 -24.56 -2.01 10.97
N ASP B 279 -24.26 -2.55 12.15
CA ASP B 279 -25.16 -2.44 13.29
C ASP B 279 -25.36 -0.98 13.66
N ILE B 280 -24.29 -0.20 13.55
CA ILE B 280 -24.37 1.24 13.69
C ILE B 280 -25.10 1.87 12.50
N MET B 281 -24.80 1.41 11.29
CA MET B 281 -25.35 2.00 10.08
C MET B 281 -26.85 1.85 9.96
N GLU B 282 -27.40 0.72 10.39
CA GLU B 282 -28.85 0.54 10.40
C GLU B 282 -29.46 1.25 11.61
N GLU B 283 -28.74 1.17 12.74
CA GLU B 283 -29.11 1.91 13.94
C GLU B 283 -29.41 3.37 13.63
N LEU B 284 -28.49 4.04 12.95
CA LEU B 284 -28.66 5.44 12.58
C LEU B 284 -29.85 5.63 11.64
N TYR B 285 -30.00 4.75 10.67
CA TYR B 285 -31.20 4.72 9.83
C TYR B 285 -32.45 4.63 10.70
N GLN B 286 -32.45 3.68 11.63
CA GLN B 286 -33.61 3.39 12.45
C GLN B 286 -33.79 4.50 13.48
N GLU B 287 -32.67 4.97 14.03
CA GLU B 287 -32.68 6.09 14.95
C GLU B 287 -33.33 7.31 14.30
N GLN B 288 -33.06 7.51 13.02
CA GLN B 288 -33.68 8.60 12.26
C GLN B 288 -35.20 8.50 12.31
N ILE B 289 -35.72 7.32 11.98
CA ILE B 289 -37.16 7.16 11.73
C ILE B 289 -37.93 7.32 13.04
N ARG B 290 -37.40 6.73 14.10
CA ARG B 290 -37.94 6.90 15.45
C ARG B 290 -38.01 8.38 15.82
N VAL B 291 -36.95 9.12 15.55
CA VAL B 291 -36.89 10.53 15.94
C VAL B 291 -37.49 11.46 14.89
N LEU B 292 -37.15 11.23 13.62
CA LEU B 292 -37.58 12.13 12.56
C LEU B 292 -38.91 11.67 11.97
N GLY B 293 -39.26 10.42 12.24
CA GLY B 293 -40.38 9.78 11.58
C GLY B 293 -40.02 9.42 10.16
N SER B 294 -40.98 9.51 9.25
CA SER B 294 -40.81 8.93 7.94
C SER B 294 -39.80 9.73 7.21
N ASP B 295 -39.56 9.27 5.99
CA ASP B 295 -38.47 9.74 5.12
C ASP B 295 -38.55 11.21 4.74
N LEU B 296 -39.76 11.73 4.53
CA LEU B 296 -39.91 13.02 3.88
C LEU B 296 -39.21 14.15 4.67
N PRO B 297 -39.29 14.08 6.04
CA PRO B 297 -38.73 15.25 6.74
C PRO B 297 -37.29 15.43 6.37
N PRO B 298 -36.93 16.68 6.09
CA PRO B 298 -35.65 17.01 5.50
C PRO B 298 -34.77 17.54 6.63
N LEU B 299 -33.48 17.67 6.37
CA LEU B 299 -32.57 17.97 7.47
C LEU B 299 -32.46 19.48 7.69
N THR B 300 -32.44 19.85 8.96
CA THR B 300 -32.44 21.25 9.37
C THR B 300 -31.42 21.43 10.48
N TYR B 301 -31.12 22.69 10.79
CA TYR B 301 -30.26 23.01 11.92
C TYR B 301 -30.87 22.43 13.20
N ASP B 302 -32.18 22.58 13.34
CA ASP B 302 -32.89 22.13 14.53
C ASP B 302 -32.93 20.61 14.64
N ASN B 303 -33.37 19.94 13.57
CA ASN B 303 -33.57 18.49 13.63
C ASN B 303 -32.27 17.71 13.73
N LEU B 304 -31.19 18.25 13.17
CA LEU B 304 -29.88 17.61 13.29
C LEU B 304 -29.54 17.38 14.75
N GLN B 305 -29.97 18.32 15.59
CA GLN B 305 -29.66 18.29 17.02
C GLN B 305 -30.33 17.09 17.70
N LYS B 306 -31.39 16.58 17.06
CA LYS B 306 -32.14 15.46 17.63
C LYS B 306 -31.35 14.16 17.53
N LEU B 307 -30.32 14.17 16.69
CA LEU B 307 -29.56 12.96 16.38
C LEU B 307 -28.43 12.76 17.38
N ASP B 308 -28.58 11.76 18.24
CA ASP B 308 -27.67 11.56 19.36
C ASP B 308 -26.40 10.83 18.91
N LEU B 309 -26.61 9.83 18.06
CA LEU B 309 -25.56 8.87 17.72
C LEU B 309 -24.59 9.53 16.73
N HIS B 310 -25.13 10.13 15.68
CA HIS B 310 -24.31 10.82 14.70
C HIS B 310 -23.26 11.65 15.42
N ALA B 311 -23.73 12.57 16.25
CA ALA B 311 -22.82 13.34 17.09
C ALA B 311 -21.77 12.39 17.63
N LYS B 312 -22.22 11.22 18.09
CA LYS B 312 -21.34 10.25 18.74
C LYS B 312 -20.44 9.50 17.76
N VAL B 313 -21.00 9.05 16.64
CA VAL B 313 -20.19 8.52 15.55
C VAL B 313 -19.07 9.51 15.26
N ILE B 314 -19.48 10.73 14.93
CA ILE B 314 -18.57 11.81 14.57
C ILE B 314 -17.54 12.02 15.68
N LYS B 315 -17.97 11.78 16.92
CA LYS B 315 -17.22 12.18 18.09
C LYS B 315 -16.18 11.13 18.48
N GLU B 316 -16.59 9.87 18.50
CA GLU B 316 -15.69 8.76 18.74
C GLU B 316 -14.68 8.65 17.61
N THR B 317 -15.10 9.00 16.40
CA THR B 317 -14.21 8.97 15.25
C THR B 317 -13.04 9.93 15.49
N LEU B 318 -13.39 11.16 15.89
CA LEU B 318 -12.40 12.18 16.20
C LEU B 318 -11.50 11.77 17.35
N ARG B 319 -12.02 10.96 18.28
CA ARG B 319 -11.23 10.52 19.43
C ARG B 319 -10.02 9.72 18.94
N LEU B 320 -10.31 8.73 18.12
CA LEU B 320 -9.31 7.99 17.39
C LEU B 320 -8.61 8.74 16.27
N HIS B 321 -9.36 9.54 15.54
CA HIS B 321 -8.89 10.01 14.25
C HIS B 321 -8.73 11.47 13.94
N ALA B 322 -8.49 12.27 14.95
CA ALA B 322 -8.31 13.70 14.71
C ALA B 322 -7.17 13.82 13.72
N PRO B 323 -7.33 14.68 12.71
CA PRO B 323 -6.27 14.84 11.73
C PRO B 323 -5.04 15.51 12.34
N ILE B 324 -5.26 16.45 13.25
CA ILE B 324 -4.14 17.08 13.94
C ILE B 324 -3.70 16.23 15.12
N HIS B 325 -2.45 15.78 15.08
CA HIS B 325 -1.92 14.90 16.11
C HIS B 325 -0.85 15.59 16.93
N SER B 326 -0.12 16.51 16.29
CA SER B 326 1.02 17.16 16.93
C SER B 326 0.97 18.68 16.76
N ILE B 327 1.26 19.36 17.86
CA ILE B 327 1.23 20.82 17.92
C ILE B 327 2.57 21.33 18.41
N ILE B 328 3.37 21.90 17.50
CA ILE B 328 4.64 22.46 17.90
C ILE B 328 4.54 23.94 18.24
N ARG B 329 5.36 24.38 19.19
CA ARG B 329 5.37 25.77 19.62
C ARG B 329 6.76 26.39 19.71
N ALA B 330 6.75 27.72 19.79
CA ALA B 330 7.97 28.51 19.91
C ALA B 330 8.33 28.87 21.36
N VAL B 331 9.63 28.84 21.63
CA VAL B 331 10.19 28.95 22.97
C VAL B 331 10.55 30.40 23.28
N LYS B 332 9.94 30.99 24.30
CA LYS B 332 10.27 32.35 24.73
C LYS B 332 11.28 32.36 25.88
N ASN B 333 11.11 31.43 26.81
CA ASN B 333 12.04 31.28 27.94
C ASN B 333 12.25 29.81 28.26
N PRO B 334 13.17 29.51 29.20
CA PRO B 334 13.02 28.18 29.79
C PRO B 334 11.78 28.09 30.65
N MET B 335 11.03 27.01 30.51
CA MET B 335 9.74 26.88 31.20
C MET B 335 9.87 26.12 32.51
N ALA B 336 9.63 26.84 33.60
CA ALA B 336 9.61 26.26 34.94
C ALA B 336 8.49 25.24 35.09
N VAL B 337 8.90 23.98 35.21
CA VAL B 337 7.97 22.86 35.18
C VAL B 337 7.71 22.34 36.58
N ASP B 338 6.43 22.35 36.94
CA ASP B 338 6.03 22.32 38.33
C ASP B 338 6.63 21.07 38.95
N GLY B 339 7.19 21.24 40.14
CA GLY B 339 7.72 20.11 40.87
C GLY B 339 8.68 19.30 40.03
N THR B 340 9.61 19.96 39.34
CA THR B 340 10.71 19.18 38.77
C THR B 340 12.04 19.84 38.40
N SER B 341 12.98 18.94 38.16
CA SER B 341 14.41 19.23 38.10
C SER B 341 14.83 20.07 36.90
N TYR B 342 14.27 19.80 35.73
CA TYR B 342 14.74 20.52 34.55
C TYR B 342 13.69 21.36 33.84
N VAL B 343 14.11 22.56 33.42
CA VAL B 343 13.24 23.44 32.66
C VAL B 343 13.84 23.72 31.29
N ILE B 344 12.97 23.78 30.29
CA ILE B 344 13.36 23.66 28.88
C ILE B 344 14.25 24.79 28.38
N PRO B 345 15.32 24.47 27.66
CA PRO B 345 16.26 25.53 27.37
C PRO B 345 15.71 26.39 26.24
N THR B 346 16.39 27.48 25.92
CA THR B 346 15.88 28.38 24.89
C THR B 346 15.79 27.65 23.55
N SER B 347 16.81 26.88 23.20
CA SER B 347 16.76 26.17 21.92
C SER B 347 15.85 24.96 22.05
N HIS B 348 14.59 25.14 21.69
CA HIS B 348 13.55 24.15 21.95
C HIS B 348 12.33 24.45 21.10
N ASN B 349 11.58 23.40 20.77
CA ASN B 349 10.15 23.50 20.54
C ASN B 349 9.42 22.63 21.54
N VAL B 350 8.12 22.84 21.66
CA VAL B 350 7.31 21.94 22.47
C VAL B 350 6.11 21.38 21.72
N LEU B 351 6.09 20.05 21.66
CA LEU B 351 4.97 19.32 21.08
C LEU B 351 4.01 18.88 22.19
N SER B 352 2.74 19.16 21.97
CA SER B 352 1.69 18.59 22.81
C SER B 352 0.73 17.78 21.93
N SER B 353 0.67 16.49 22.20
CA SER B 353 -0.12 15.58 21.36
C SER B 353 -1.48 15.32 22.01
N PRO B 354 -2.46 16.19 21.74
CA PRO B 354 -3.81 15.97 22.24
C PRO B 354 -4.22 14.50 22.09
N GLY B 355 -3.79 13.88 20.99
CA GLY B 355 -4.32 12.59 20.58
C GLY B 355 -4.03 11.51 21.62
N VAL B 356 -2.85 11.60 22.22
CA VAL B 356 -2.43 10.59 23.20
C VAL B 356 -3.53 10.37 24.23
N THR B 357 -3.89 11.44 24.91
CA THR B 357 -4.79 11.35 26.06
C THR B 357 -6.09 10.66 25.64
N ALA B 358 -6.54 11.01 24.43
CA ALA B 358 -7.68 10.35 23.83
C ALA B 358 -7.46 8.85 23.81
N ARG B 359 -6.22 8.46 23.48
CA ARG B 359 -5.85 7.06 23.54
C ARG B 359 -5.05 6.76 24.79
N SER B 360 -5.77 6.41 25.85
CA SER B 360 -5.18 5.85 27.06
C SER B 360 -6.25 5.07 27.79
N GLU B 361 -5.84 4.14 28.64
CA GLU B 361 -6.79 3.43 29.49
C GLU B 361 -7.09 4.22 30.76
N GLU B 362 -6.13 5.07 31.14
CA GLU B 362 -6.31 6.01 32.23
C GLU B 362 -7.57 6.86 32.07
N HIS B 363 -7.84 7.28 30.84
CA HIS B 363 -8.98 8.15 30.54
C HIS B 363 -10.00 7.41 29.68
N PHE B 364 -9.54 6.42 28.94
CA PHE B 364 -10.46 5.57 28.17
C PHE B 364 -10.08 4.09 28.27
N PRO B 365 -11.10 3.22 28.38
CA PRO B 365 -10.77 1.81 28.56
C PRO B 365 -10.93 1.10 27.22
N ASN B 366 -9.98 0.21 26.90
CA ASN B 366 -9.97 -0.42 25.59
C ASN B 366 -9.95 0.64 24.50
N PRO B 367 -8.96 1.55 24.53
CA PRO B 367 -9.07 2.82 23.83
C PRO B 367 -9.22 2.64 22.32
N LEU B 368 -8.68 1.56 21.80
CA LEU B 368 -8.58 1.36 20.36
C LEU B 368 -9.86 0.74 19.80
N GLU B 369 -10.76 0.35 20.69
CA GLU B 369 -12.10 0.02 20.25
C GLU B 369 -12.80 1.27 19.75
N TRP B 370 -13.20 1.25 18.48
CA TRP B 370 -14.08 2.28 17.96
C TRP B 370 -15.52 2.03 18.43
N ASN B 371 -15.90 2.71 19.51
CA ASN B 371 -17.20 2.50 20.13
C ASN B 371 -17.98 3.81 20.25
N PRO B 372 -18.87 4.09 19.28
CA PRO B 372 -19.71 5.28 19.37
C PRO B 372 -20.62 5.23 20.60
N HIS B 373 -21.30 4.13 20.83
CA HIS B 373 -22.25 4.11 21.94
C HIS B 373 -21.51 4.37 23.24
N ARG B 374 -20.26 3.96 23.30
CA ARG B 374 -19.52 4.18 24.54
C ARG B 374 -19.83 5.59 25.03
N TRP B 375 -20.13 6.46 24.07
CA TRP B 375 -20.54 7.83 24.36
C TRP B 375 -22.04 7.93 24.56
N ASP B 376 -22.44 7.42 25.72
CA ASP B 376 -23.59 7.90 26.46
C ASP B 376 -23.20 8.49 27.81
N GLU B 377 -21.99 9.06 27.93
CA GLU B 377 -21.65 9.90 29.08
C GLU B 377 -21.13 11.32 28.84
N ASN B 378 -20.83 11.69 27.60
CA ASN B 378 -20.51 13.08 27.26
C ASN B 378 -21.04 13.44 25.88
N ILE B 379 -21.99 14.37 25.82
CA ILE B 379 -22.54 14.82 24.55
C ILE B 379 -22.39 16.32 24.42
N ALA B 380 -22.23 16.76 23.20
CA ALA B 380 -21.70 18.08 23.03
C ALA B 380 -21.69 18.55 21.59
N ALA B 381 -21.02 19.67 21.34
CA ALA B 381 -19.79 19.68 20.64
C ALA B 381 -18.51 19.02 21.35
N SER B 382 -18.31 19.43 22.61
CA SER B 382 -17.63 18.72 23.72
C SER B 382 -18.30 19.03 25.10
N ALA B 383 -18.04 18.19 26.09
CA ALA B 383 -18.57 18.37 27.43
C ALA B 383 -17.60 19.15 28.31
N GLU B 384 -18.14 20.13 29.04
CA GLU B 384 -17.32 21.11 29.74
C GLU B 384 -17.36 20.97 31.26
N ASP B 385 -16.17 21.01 31.85
CA ASP B 385 -15.95 20.75 33.26
C ASP B 385 -15.76 22.05 34.03
N ASP B 386 -14.97 22.95 33.46
CA ASP B 386 -14.76 24.28 34.02
C ASP B 386 -15.16 25.36 33.02
N GLU B 387 -15.12 26.62 33.46
CA GLU B 387 -15.75 27.72 32.75
C GLU B 387 -14.79 28.41 31.79
N LYS B 388 -15.22 29.53 31.22
CA LYS B 388 -14.72 29.99 29.92
C LYS B 388 -14.00 31.34 29.96
N VAL B 389 -13.23 31.63 28.92
CA VAL B 389 -12.49 32.90 28.77
C VAL B 389 -12.62 33.49 27.37
N ASP B 390 -12.18 34.73 27.23
CA ASP B 390 -12.04 35.34 25.90
C ASP B 390 -10.63 35.77 25.55
N TYR B 391 -10.11 35.14 24.51
CA TYR B 391 -8.89 35.55 23.84
C TYR B 391 -9.20 36.68 22.86
N GLY B 392 -10.48 36.83 22.54
CA GLY B 392 -10.93 37.86 21.62
C GLY B 392 -11.77 37.37 20.46
N TYR B 393 -11.78 36.06 20.23
CA TYR B 393 -12.95 35.46 19.59
C TYR B 393 -14.07 35.34 20.62
N GLY B 394 -15.28 35.06 20.15
CA GLY B 394 -16.40 34.81 21.06
C GLY B 394 -16.03 33.83 22.16
N LEU B 395 -16.71 33.93 23.30
CA LEU B 395 -16.27 33.28 24.52
C LEU B 395 -16.08 31.78 24.34
N VAL B 396 -14.96 31.27 24.85
CA VAL B 396 -14.57 29.87 24.70
C VAL B 396 -13.95 29.33 25.99
N SER B 397 -14.11 28.04 26.23
CA SER B 397 -13.75 27.43 27.51
C SER B 397 -12.27 27.01 27.52
N LYS B 398 -11.47 27.54 28.43
CA LYS B 398 -10.09 27.06 28.51
C LYS B 398 -10.02 25.94 29.52
N GLY B 399 -11.18 25.42 29.91
CA GLY B 399 -11.25 24.43 30.95
C GLY B 399 -10.78 23.37 30.01
N THR B 400 -9.46 23.22 30.10
CA THR B 400 -8.61 22.58 29.14
C THR B 400 -8.12 21.31 29.76
N ASN B 401 -8.65 20.97 30.93
CA ASN B 401 -8.17 19.86 31.71
C ASN B 401 -8.29 18.53 30.98
N SER B 402 -9.39 18.36 30.27
CA SER B 402 -9.80 17.05 29.75
C SER B 402 -8.75 16.40 28.87
N PRO B 403 -8.84 15.07 28.69
CA PRO B 403 -7.77 14.48 27.90
C PRO B 403 -8.23 14.27 26.47
N TYR B 404 -9.37 14.87 26.16
CA TYR B 404 -10.03 14.74 24.87
C TYR B 404 -10.01 16.08 24.15
N LEU B 405 -9.05 16.29 23.27
CA LEU B 405 -8.87 17.59 22.64
C LEU B 405 -8.66 17.47 21.13
N PRO B 406 -9.72 17.11 20.38
CA PRO B 406 -9.53 17.16 18.94
C PRO B 406 -9.18 18.55 18.44
N PHE B 407 -9.93 19.54 18.90
CA PHE B 407 -9.73 20.92 18.44
C PHE B 407 -8.73 21.64 19.34
N GLY B 408 -8.39 20.99 20.44
CA GLY B 408 -7.61 21.64 21.49
C GLY B 408 -8.47 22.58 22.29
N ALA B 409 -7.79 23.47 22.99
CA ALA B 409 -8.42 24.55 23.70
C ALA B 409 -7.32 25.54 23.95
N GLY B 410 -7.68 26.74 24.37
CA GLY B 410 -6.68 27.75 24.58
C GLY B 410 -6.73 28.83 23.52
N ARG B 411 -5.67 29.63 23.55
CA ARG B 411 -5.37 30.57 22.50
C ARG B 411 -5.16 29.61 21.39
N HIS B 412 -5.73 29.91 20.23
CA HIS B 412 -5.65 29.11 19.01
C HIS B 412 -6.68 28.02 18.88
N ARG B 413 -7.59 27.91 19.82
CA ARG B 413 -8.43 26.72 19.71
C ARG B 413 -9.23 26.99 18.44
N CYS B 414 -9.81 25.93 17.91
CA CYS B 414 -10.46 25.95 16.60
C CYS B 414 -11.86 26.53 16.75
N ILE B 415 -12.30 27.28 15.74
CA ILE B 415 -13.66 27.82 15.73
C ILE B 415 -14.52 27.25 14.61
N GLY B 416 -13.94 26.36 13.81
CA GLY B 416 -14.69 25.68 12.77
C GLY B 416 -15.51 24.52 13.31
N GLU B 417 -15.40 24.25 14.60
CA GLU B 417 -15.97 23.04 15.10
C GLU B 417 -17.42 23.05 14.77
N GLN B 418 -18.06 24.18 14.97
CA GLN B 418 -19.49 24.23 14.87
C GLN B 418 -19.83 23.85 13.46
N PHE B 419 -19.03 24.40 12.56
CA PHE B 419 -19.14 24.11 11.13
C PHE B 419 -18.86 22.63 10.89
N ALA B 420 -17.75 22.17 11.45
CA ALA B 420 -17.26 20.82 11.20
C ALA B 420 -18.37 19.83 11.53
N TYR B 421 -18.85 19.91 12.77
CA TYR B 421 -19.94 19.03 13.20
C TYR B 421 -21.08 19.09 12.20
N LEU B 422 -21.45 20.32 11.85
CA LEU B 422 -22.60 20.54 11.00
C LEU B 422 -22.35 19.86 9.65
N GLN B 423 -21.21 20.18 9.06
CA GLN B 423 -20.79 19.55 7.81
C GLN B 423 -20.73 18.05 7.96
N LEU B 424 -19.98 17.59 8.95
CA LEU B 424 -19.75 16.18 9.18
C LEU B 424 -21.06 15.46 9.52
N GLY B 425 -21.76 15.95 10.53
CA GLY B 425 -23.10 15.46 10.83
C GLY B 425 -23.99 15.43 9.60
N THR B 426 -24.00 16.54 8.86
CA THR B 426 -24.95 16.69 7.75
C THR B 426 -24.65 15.65 6.68
N ILE B 427 -23.37 15.55 6.31
CA ILE B 427 -22.94 14.57 5.32
C ILE B 427 -23.27 13.15 5.76
N THR B 428 -22.78 12.74 6.92
CA THR B 428 -22.98 11.37 7.37
C THR B 428 -24.49 11.13 7.43
N ALA B 429 -25.17 12.09 8.05
CA ALA B 429 -26.64 12.12 8.01
C ALA B 429 -27.19 11.83 6.62
N VAL B 430 -26.73 12.56 5.61
CA VAL B 430 -27.25 12.37 4.26
C VAL B 430 -26.86 10.99 3.73
N LEU B 431 -25.57 10.72 3.77
CA LEU B 431 -25.03 9.43 3.32
C LEU B 431 -25.80 8.26 3.91
N VAL B 432 -26.09 8.34 5.21
CA VAL B 432 -26.78 7.26 5.92
C VAL B 432 -28.16 7.00 5.34
N ARG B 433 -28.89 8.08 5.10
CA ARG B 433 -30.23 7.97 4.52
C ARG B 433 -30.13 7.24 3.19
N LEU B 434 -29.11 7.59 2.43
CA LEU B 434 -29.00 7.17 1.04
C LEU B 434 -28.37 5.79 0.89
N PHE B 435 -27.59 5.38 1.90
CA PHE B 435 -26.62 4.31 1.70
C PHE B 435 -26.55 3.30 2.84
N ARG B 436 -26.28 2.05 2.47
CA ARG B 436 -25.60 1.11 3.35
C ARG B 436 -24.19 0.85 2.81
N PHE B 437 -23.21 0.73 3.70
CA PHE B 437 -21.88 0.32 3.26
C PHE B 437 -21.42 -1.01 3.84
N ARG B 438 -20.83 -1.83 2.98
CA ARG B 438 -20.15 -3.05 3.37
C ARG B 438 -18.67 -2.86 3.08
N ASN B 439 -17.81 -3.51 3.87
CA ASN B 439 -16.37 -3.42 3.64
C ASN B 439 -16.00 -4.15 2.35
N LEU B 440 -15.22 -3.48 1.52
CA LEU B 440 -14.90 -4.00 0.19
C LEU B 440 -14.12 -5.30 0.32
N PRO B 441 -12.90 -5.23 0.87
CA PRO B 441 -12.09 -6.43 0.83
C PRO B 441 -12.85 -7.66 1.32
N GLY B 442 -12.72 -8.76 0.59
CA GLY B 442 -13.02 -10.08 1.14
C GLY B 442 -12.58 -10.23 2.58
N VAL B 443 -11.30 -9.96 2.85
CA VAL B 443 -10.81 -9.96 4.22
C VAL B 443 -10.57 -8.54 4.72
N ASP B 444 -10.74 -8.31 6.02
CA ASP B 444 -10.91 -6.94 6.50
C ASP B 444 -10.60 -6.63 7.96
N GLY B 445 -10.05 -5.43 8.14
CA GLY B 445 -10.22 -4.65 9.37
C GLY B 445 -10.55 -3.21 9.04
N ILE B 446 -9.63 -2.31 9.37
CA ILE B 446 -9.74 -0.91 8.98
C ILE B 446 -8.38 -0.41 8.48
N PRO B 447 -8.36 0.44 7.44
CA PRO B 447 -7.06 0.69 6.85
C PRO B 447 -6.10 1.40 7.81
N ASP B 448 -4.84 1.49 7.39
CA ASP B 448 -3.82 2.14 8.19
C ASP B 448 -3.85 3.64 7.96
N THR B 449 -3.03 4.36 8.73
CA THR B 449 -3.11 5.81 8.80
C THR B 449 -1.86 6.48 8.23
N ASP B 450 -2.08 7.54 7.47
CA ASP B 450 -0.99 8.36 6.95
C ASP B 450 -0.74 9.58 7.81
N TYR B 451 0.44 9.61 8.44
CA TYR B 451 0.81 10.70 9.32
C TYR B 451 1.78 11.63 8.62
N SER B 452 1.95 11.39 7.33
CA SER B 452 3.14 11.86 6.62
C SER B 452 3.26 13.36 6.81
N SER B 453 2.31 14.10 6.22
CA SER B 453 2.32 15.52 6.49
C SER B 453 1.55 15.66 7.79
N LEU B 454 1.71 16.81 8.43
CA LEU B 454 1.39 16.85 9.85
C LEU B 454 -0.07 16.51 10.08
N PHE B 455 -0.86 16.48 9.00
CA PHE B 455 -2.24 16.04 9.18
C PHE B 455 -2.45 14.58 8.77
N SER B 456 -2.96 13.83 9.74
CA SER B 456 -3.25 12.41 9.57
C SER B 456 -4.39 12.20 8.59
N LYS B 457 -4.25 11.18 7.75
CA LYS B 457 -5.32 10.74 6.87
C LYS B 457 -5.27 9.22 6.73
N PRO B 458 -6.34 8.62 6.22
CA PRO B 458 -6.24 7.22 5.84
C PRO B 458 -5.17 7.01 4.78
N LEU B 459 -4.72 5.77 4.64
CA LEU B 459 -3.50 5.48 3.89
C LEU B 459 -3.84 4.83 2.55
N GLY B 460 -3.33 5.43 1.48
CA GLY B 460 -3.43 4.83 0.16
C GLY B 460 -4.88 4.85 -0.31
N ARG B 461 -5.13 4.09 -1.36
CA ARG B 461 -6.49 3.85 -1.78
C ARG B 461 -7.10 2.93 -0.75
N SER B 462 -8.28 3.29 -0.28
CA SER B 462 -9.11 2.40 0.53
C SER B 462 -10.51 2.43 -0.05
N PHE B 463 -10.98 1.26 -0.44
CA PHE B 463 -12.28 1.15 -1.10
C PHE B 463 -13.28 0.56 -0.11
N VAL B 464 -14.54 0.80 -0.39
CA VAL B 464 -15.59 0.04 0.29
C VAL B 464 -16.76 -0.10 -0.67
N GLU B 465 -17.58 -1.11 -0.41
CA GLU B 465 -18.76 -1.34 -1.23
C GLU B 465 -19.87 -0.39 -0.83
N PHE B 466 -20.69 -0.04 -1.81
CA PHE B 466 -21.89 0.75 -1.56
C PHE B 466 -23.10 0.02 -2.11
N GLU B 467 -24.10 -0.14 -1.24
CA GLU B 467 -25.45 -0.50 -1.67
C GLU B 467 -26.42 0.60 -1.23
N LYS B 468 -27.03 1.24 -2.22
CA LYS B 468 -28.04 2.26 -1.94
C LYS B 468 -29.38 1.59 -1.62
N ARG B 469 -30.33 2.37 -1.12
CA ARG B 469 -31.46 1.83 -0.38
C ARG B 469 -32.74 1.63 -1.21
N HIS B 470 -33.73 1.06 -0.54
CA HIS B 470 -35.12 1.03 -1.00
C HIS B 470 -35.21 0.89 -2.52
#